data_6MH5
#
_entry.id   6MH5
#
_cell.length_a   132.713
_cell.length_b   53.983
_cell.length_c   115.799
_cell.angle_alpha   90.000
_cell.angle_beta   91.617
_cell.angle_gamma   90.000
#
_symmetry.space_group_name_H-M   'C 1 2 1'
#
loop_
_entity.id
_entity.type
_entity.pdbx_description
1 polymer '1-deoxy-D-xylulose 5-phosphate reductoisomerase'
2 non-polymer '3-[FORMYL(HYDROXY)AMINO]PROPYLPHOSPHONIC ACID'
#
_entity_poly.entity_id   1
_entity_poly.type   'polypeptide(L)'
_entity_poly.pdbx_seq_one_letter_code
;MKNIAILGASGSIGQQAIDVIARHPESFNLISFTVGKNIEFAIEVIEKFKPEIVSVQDEADVERLKPYHSNIVSGRQGLI
DVSTYEKNDLVLNALLGSVGLEPTMKAIEAGKNIALANKETLVVAGKLVMTHAKRYGVDILPVDSEHAAIFQCLNGEDMH
KIKNVTITASGGSFRELTREQLEHVTVGDALNHPNWSMGNKITIDSATMMNKGFEVIEAKWLFDLKIDQIKTILHKESII
HSLVEFVDTSVMAQLGTPDMRMPIQYAFTYPERIEHRAPSLDLVQVAQLHFQEMDLDRYRCLKFAYDALRIGGSMPVVLN
AVNEVAVAKFLNHEITFLEIEHMIEREMSAHEVIPDPSLEEILEIDHYYKTKSYEV
;
_entity_poly.pdbx_strand_id   A,B
#
loop_
_chem_comp.id
_chem_comp.type
_chem_comp.name
_chem_comp.formula
FOM non-polymer '3-[FORMYL(HYDROXY)AMINO]PROPYLPHOSPHONIC ACID' 'C4 H10 N O5 P'
#
# COMPACT_ATOMS: atom_id res chain seq x y z
N MET A 1 41.06 -7.54 20.76
CA MET A 1 41.13 -8.37 19.56
C MET A 1 39.74 -8.81 19.07
N LYS A 2 39.51 -8.78 17.76
CA LYS A 2 38.27 -9.32 17.22
C LYS A 2 38.52 -10.09 15.93
N ASN A 3 37.92 -11.26 15.84
CA ASN A 3 38.01 -12.07 14.64
C ASN A 3 36.85 -11.71 13.73
N ILE A 4 37.20 -11.19 12.55
CA ILE A 4 36.29 -10.65 11.53
C ILE A 4 35.97 -11.73 10.50
N ALA A 5 34.82 -11.62 9.86
CA ALA A 5 34.49 -12.46 8.71
C ALA A 5 33.95 -11.57 7.60
N ILE A 6 34.44 -11.77 6.37
CA ILE A 6 33.99 -11.02 5.20
C ILE A 6 33.32 -12.00 4.23
N LEU A 7 32.11 -11.66 3.79
CA LEU A 7 31.39 -12.49 2.83
C LEU A 7 31.64 -12.06 1.38
N GLY A 8 31.49 -10.77 1.06
CA GLY A 8 31.87 -10.32 -0.26
C GLY A 8 33.33 -9.88 -0.36
N ALA A 9 34.26 -10.82 -0.16
CA ALA A 9 35.67 -10.46 -0.01
C ALA A 9 36.29 -10.00 -1.32
N SER A 10 36.04 -10.73 -2.42
CA SER A 10 36.50 -10.27 -3.73
C SER A 10 35.88 -8.94 -4.12
N GLY A 11 34.84 -8.48 -3.41
CA GLY A 11 34.17 -7.24 -3.76
C GLY A 11 34.96 -6.01 -3.38
N SER A 12 34.50 -4.88 -3.92
CA SER A 12 35.18 -3.61 -3.71
C SER A 12 35.29 -3.28 -2.22
N ILE A 13 34.16 -3.40 -1.50
CA ILE A 13 34.16 -3.11 -0.07
C ILE A 13 34.90 -4.19 0.69
N GLY A 14 34.71 -5.45 0.34
CA GLY A 14 35.44 -6.52 0.99
C GLY A 14 36.96 -6.38 0.91
N GLN A 15 37.47 -5.74 -0.14
CA GLN A 15 38.91 -5.56 -0.24
C GLN A 15 39.40 -4.38 0.61
N GLN A 16 38.66 -3.27 0.63
CA GLN A 16 39.03 -2.15 1.48
C GLN A 16 39.02 -2.56 2.96
N ALA A 17 38.11 -3.46 3.33
CA ALA A 17 38.10 -4.00 4.69
C ALA A 17 39.26 -4.96 4.94
N ILE A 18 39.70 -5.69 3.91
CA ILE A 18 40.91 -6.50 4.05
C ILE A 18 42.11 -5.61 4.33
N ASP A 19 42.18 -4.44 3.69
CA ASP A 19 43.22 -3.51 4.05
C ASP A 19 43.03 -3.04 5.50
N VAL A 20 41.80 -2.66 5.88
CA VAL A 20 41.56 -2.19 7.24
C VAL A 20 41.93 -3.26 8.25
N ILE A 21 41.81 -4.54 7.89
CA ILE A 21 42.37 -5.56 8.76
C ILE A 21 43.89 -5.52 8.71
N ALA A 22 44.46 -5.26 7.53
CA ALA A 22 45.92 -5.40 7.37
C ALA A 22 46.70 -4.24 8.02
N ARG A 23 46.11 -3.06 8.16
CA ARG A 23 46.78 -1.98 8.85
C ARG A 23 46.80 -2.16 10.36
N HIS A 24 45.89 -2.95 10.93
CA HIS A 24 45.75 -3.09 12.38
C HIS A 24 45.84 -4.55 12.79
N PRO A 25 47.05 -5.12 12.81
CA PRO A 25 47.20 -6.47 13.38
C PRO A 25 46.99 -6.50 14.89
N GLU A 26 47.05 -5.34 15.55
CA GLU A 26 46.85 -5.36 17.01
C GLU A 26 45.39 -5.56 17.39
N SER A 27 44.44 -5.23 16.50
CA SER A 27 43.04 -5.39 16.85
C SER A 27 42.26 -6.40 15.99
N PHE A 28 42.68 -6.66 14.74
CA PHE A 28 41.87 -7.53 13.88
C PHE A 28 42.67 -8.69 13.32
N ASN A 29 41.99 -9.83 13.20
CA ASN A 29 42.40 -10.93 12.33
C ASN A 29 41.19 -11.37 11.53
N LEU A 30 41.40 -11.72 10.27
CA LEU A 30 40.36 -12.32 9.43
C LEU A 30 40.38 -13.84 9.65
N ILE A 31 39.33 -14.35 10.28
CA ILE A 31 39.27 -15.75 10.67
C ILE A 31 38.60 -16.62 9.61
N SER A 32 37.63 -16.07 8.87
CA SER A 32 36.87 -16.78 7.84
C SER A 32 36.47 -15.80 6.76
N PHE A 33 36.47 -16.23 5.50
CA PHE A 33 36.07 -15.36 4.41
C PHE A 33 35.34 -16.15 3.32
N THR A 34 34.47 -15.44 2.61
CA THR A 34 33.71 -16.03 1.52
C THR A 34 34.16 -15.42 0.21
N VAL A 35 34.25 -16.26 -0.81
CA VAL A 35 34.37 -15.77 -2.18
C VAL A 35 33.61 -16.72 -3.10
N GLY A 36 32.91 -16.17 -4.08
CA GLY A 36 32.66 -16.86 -5.32
C GLY A 36 33.64 -16.34 -6.34
N LYS A 37 33.41 -16.68 -7.59
CA LYS A 37 34.11 -16.02 -8.69
C LYS A 37 35.61 -16.20 -8.50
N ASN A 38 36.39 -15.13 -8.29
CA ASN A 38 37.85 -15.05 -8.22
C ASN A 38 38.49 -16.04 -7.25
N ILE A 39 39.12 -17.08 -7.80
CA ILE A 39 39.83 -18.06 -7.00
C ILE A 39 41.28 -17.61 -6.74
N GLU A 40 41.84 -16.83 -7.65
CA GLU A 40 43.16 -16.24 -7.45
C GLU A 40 43.24 -15.52 -6.10
N PHE A 41 42.40 -14.50 -5.93
CA PHE A 41 42.38 -13.71 -4.70
C PHE A 41 42.38 -14.57 -3.45
N ALA A 42 41.68 -15.72 -3.47
CA ALA A 42 41.63 -16.58 -2.30
C ALA A 42 43.02 -17.02 -1.89
N ILE A 43 43.81 -17.47 -2.85
CA ILE A 43 45.15 -17.98 -2.55
C ILE A 43 46.03 -16.89 -1.96
N GLU A 44 45.99 -15.68 -2.53
CA GLU A 44 46.77 -14.56 -2.00
C GLU A 44 46.29 -14.14 -0.60
N VAL A 45 45.02 -14.43 -0.28
CA VAL A 45 44.45 -14.10 1.01
C VAL A 45 44.64 -15.25 2.00
N ILE A 46 44.65 -16.50 1.52
CA ILE A 46 45.04 -17.61 2.37
C ILE A 46 46.50 -17.46 2.81
N GLU A 47 47.39 -17.12 1.88
CA GLU A 47 48.82 -17.13 2.22
C GLU A 47 49.12 -16.10 3.30
N LYS A 48 48.41 -14.98 3.30
CA LYS A 48 48.70 -13.93 4.26
C LYS A 48 48.15 -14.27 5.64
N PHE A 49 46.83 -14.37 5.75
CA PHE A 49 46.19 -14.46 7.07
C PHE A 49 45.99 -15.88 7.55
N LYS A 50 46.16 -16.89 6.69
CA LYS A 50 45.84 -18.28 6.98
C LYS A 50 44.61 -18.44 7.88
N PRO A 51 43.42 -18.14 7.36
CA PRO A 51 42.21 -18.23 8.18
C PRO A 51 41.63 -19.65 8.19
N GLU A 52 40.66 -19.85 9.08
CA GLU A 52 40.32 -21.20 9.51
C GLU A 52 39.21 -21.90 8.70
N ILE A 53 38.42 -21.19 7.90
CA ILE A 53 37.35 -21.79 7.09
C ILE A 53 37.10 -20.89 5.89
N VAL A 54 36.86 -21.50 4.72
CA VAL A 54 36.63 -20.76 3.48
C VAL A 54 35.38 -21.30 2.75
N SER A 55 34.83 -20.46 1.87
CA SER A 55 33.72 -20.87 1.02
C SER A 55 34.04 -20.42 -0.39
N VAL A 56 33.71 -21.27 -1.36
CA VAL A 56 33.79 -20.91 -2.77
C VAL A 56 32.38 -20.83 -3.33
N GLN A 57 32.24 -20.32 -4.56
CA GLN A 57 30.94 -20.41 -5.21
C GLN A 57 30.61 -21.85 -5.56
N ASP A 58 31.44 -22.47 -6.39
CA ASP A 58 31.14 -23.76 -7.00
C ASP A 58 32.02 -24.84 -6.39
N GLU A 59 31.38 -25.88 -5.87
CA GLU A 59 32.10 -27.05 -5.38
C GLU A 59 33.03 -27.64 -6.43
N ALA A 60 32.82 -27.32 -7.71
CA ALA A 60 33.81 -27.63 -8.72
C ALA A 60 35.17 -27.03 -8.37
N ASP A 61 35.17 -25.80 -7.87
CA ASP A 61 36.42 -25.15 -7.51
C ASP A 61 37.04 -25.68 -6.21
N VAL A 62 36.34 -26.56 -5.48
CA VAL A 62 36.87 -27.06 -4.22
C VAL A 62 38.26 -27.66 -4.37
N GLU A 63 38.57 -28.21 -5.56
CA GLU A 63 39.77 -29.02 -5.68
C GLU A 63 41.04 -28.17 -5.69
N ARG A 64 40.99 -26.99 -6.31
CA ARG A 64 42.18 -26.14 -6.38
C ARG A 64 42.62 -25.64 -5.00
N LEU A 65 41.74 -25.66 -4.00
CA LEU A 65 42.08 -25.10 -2.70
C LEU A 65 42.21 -26.14 -1.59
N LYS A 66 41.94 -27.42 -1.88
CA LYS A 66 42.39 -28.49 -1.03
C LYS A 66 43.87 -28.38 -0.63
N PRO A 67 44.81 -28.04 -1.54
CA PRO A 67 46.24 -28.06 -1.16
C PRO A 67 46.69 -26.90 -0.27
N TYR A 68 45.88 -25.86 -0.09
CA TYR A 68 46.40 -24.69 0.64
C TYR A 68 45.91 -24.65 2.08
N HIS A 69 44.82 -25.34 2.40
CA HIS A 69 44.49 -25.76 3.76
C HIS A 69 43.27 -26.67 3.71
N SER A 70 42.74 -27.01 4.89
CA SER A 70 41.91 -28.18 5.09
C SER A 70 40.42 -27.90 5.01
N ASN A 71 39.94 -26.79 5.58
CA ASN A 71 38.53 -26.63 5.90
C ASN A 71 37.86 -25.74 4.85
N ILE A 72 37.35 -26.35 3.78
CA ILE A 72 36.74 -25.63 2.67
C ILE A 72 35.33 -26.11 2.45
N VAL A 73 34.46 -25.17 2.08
CA VAL A 73 33.04 -25.43 1.85
C VAL A 73 32.61 -24.64 0.62
N SER A 74 31.36 -24.82 0.21
CA SER A 74 30.88 -24.17 -1.00
C SER A 74 29.36 -24.10 -0.98
N GLY A 75 28.83 -23.26 -1.89
CA GLY A 75 27.40 -23.19 -2.17
C GLY A 75 26.59 -22.42 -1.15
N ARG A 76 25.27 -22.63 -1.19
CA ARG A 76 24.40 -21.99 -0.22
C ARG A 76 24.80 -22.37 1.21
N GLN A 77 25.00 -23.66 1.47
CA GLN A 77 25.44 -24.07 2.79
C GLN A 77 26.81 -23.51 3.13
N GLY A 78 27.70 -23.42 2.14
CA GLY A 78 29.00 -22.84 2.37
C GLY A 78 28.93 -21.48 3.03
N LEU A 79 28.16 -20.56 2.43
CA LEU A 79 27.97 -19.23 3.02
C LEU A 79 27.52 -19.31 4.46
N ILE A 80 26.70 -20.30 4.80
CA ILE A 80 26.13 -20.33 6.14
C ILE A 80 27.18 -20.71 7.18
N ASP A 81 28.02 -21.72 6.90
CA ASP A 81 28.97 -22.18 7.92
C ASP A 81 30.04 -21.13 8.20
N VAL A 82 30.47 -20.39 7.17
CA VAL A 82 31.38 -19.27 7.40
C VAL A 82 30.65 -18.11 8.05
N SER A 83 29.35 -17.96 7.79
CA SER A 83 28.58 -16.93 8.49
C SER A 83 28.55 -17.23 9.99
N THR A 84 28.31 -18.50 10.34
CA THR A 84 28.08 -18.89 11.72
C THR A 84 29.26 -19.62 12.33
N TYR A 85 30.44 -19.48 11.73
CA TYR A 85 31.65 -20.01 12.35
C TYR A 85 31.74 -19.51 13.78
N GLU A 86 31.82 -20.44 14.73
CA GLU A 86 31.68 -20.02 16.11
C GLU A 86 32.88 -19.21 16.61
N LYS A 87 33.97 -19.15 15.83
CA LYS A 87 35.10 -18.28 16.14
C LYS A 87 34.91 -16.83 15.70
N ASN A 88 33.93 -16.53 14.83
CA ASN A 88 33.63 -15.16 14.45
C ASN A 88 33.13 -14.34 15.64
N ASP A 89 33.52 -13.07 15.69
CA ASP A 89 32.96 -12.12 16.65
C ASP A 89 32.10 -11.07 15.98
N LEU A 90 32.49 -10.66 14.77
CA LEU A 90 31.71 -9.77 13.94
C LEU A 90 31.82 -10.25 12.49
N VAL A 91 30.69 -10.25 11.78
CA VAL A 91 30.56 -10.78 10.44
C VAL A 91 30.16 -9.63 9.53
N LEU A 92 31.01 -9.31 8.55
CA LEU A 92 30.71 -8.28 7.56
C LEU A 92 30.05 -8.95 6.35
N ASN A 93 28.85 -8.49 6.03
CA ASN A 93 28.08 -9.00 4.91
C ASN A 93 28.31 -8.04 3.75
N ALA A 94 29.16 -8.45 2.82
CA ALA A 94 29.57 -7.55 1.75
C ALA A 94 29.07 -7.99 0.38
N LEU A 95 28.40 -9.14 0.27
CA LEU A 95 27.93 -9.59 -1.04
C LEU A 95 26.61 -8.90 -1.37
N LEU A 96 26.68 -7.95 -2.30
CA LEU A 96 25.48 -7.27 -2.80
C LEU A 96 24.53 -8.30 -3.42
N GLY A 97 23.23 -8.13 -3.18
CA GLY A 97 22.19 -8.94 -3.80
C GLY A 97 21.34 -9.70 -2.80
N SER A 98 20.38 -10.45 -3.34
CA SER A 98 19.47 -11.27 -2.54
C SER A 98 20.19 -12.43 -1.86
N VAL A 99 21.43 -12.71 -2.24
CA VAL A 99 22.23 -13.73 -1.57
C VAL A 99 22.59 -13.33 -0.15
N GLY A 100 22.59 -12.03 0.15
CA GLY A 100 23.01 -11.58 1.46
C GLY A 100 22.01 -11.91 2.56
N LEU A 101 20.74 -12.01 2.19
CA LEU A 101 19.67 -12.05 3.17
C LEU A 101 19.82 -13.21 4.13
N GLU A 102 19.79 -14.45 3.61
CA GLU A 102 19.79 -15.61 4.49
C GLU A 102 21.06 -15.70 5.33
N PRO A 103 22.30 -15.71 4.77
CA PRO A 103 23.50 -15.68 5.61
C PRO A 103 23.40 -14.74 6.79
N THR A 104 23.03 -13.48 6.56
CA THR A 104 22.84 -12.54 7.67
C THR A 104 21.90 -13.12 8.71
N MET A 105 20.78 -13.67 8.25
CA MET A 105 19.73 -14.11 9.17
C MET A 105 20.23 -15.25 10.03
N LYS A 106 20.97 -16.18 9.44
CA LYS A 106 21.50 -17.28 10.22
C LYS A 106 22.62 -16.80 11.13
N ALA A 107 23.39 -15.80 10.69
CA ALA A 107 24.42 -15.27 11.55
C ALA A 107 23.83 -14.57 12.76
N ILE A 108 22.68 -13.92 12.60
CA ILE A 108 22.03 -13.32 13.77
C ILE A 108 21.66 -14.42 14.78
N GLU A 109 21.20 -15.56 14.28
CA GLU A 109 20.79 -16.64 15.17
C GLU A 109 22.00 -17.28 15.84
N ALA A 110 23.11 -17.39 15.11
CA ALA A 110 24.33 -17.81 15.78
C ALA A 110 24.83 -16.77 16.76
N GLY A 111 24.17 -15.62 16.85
CA GLY A 111 24.56 -14.58 17.78
C GLY A 111 25.85 -13.90 17.35
N LYS A 112 25.84 -13.37 16.13
CA LYS A 112 26.99 -12.67 15.57
C LYS A 112 26.59 -11.24 15.25
N ASN A 113 27.37 -10.29 15.76
CA ASN A 113 27.24 -8.90 15.35
C ASN A 113 27.51 -8.79 13.86
N ILE A 114 26.66 -8.08 13.14
CA ILE A 114 26.73 -8.00 11.69
C ILE A 114 27.09 -6.59 11.26
N ALA A 115 28.01 -6.48 10.32
CA ALA A 115 28.28 -5.24 9.59
C ALA A 115 27.59 -5.31 8.24
N LEU A 116 26.68 -4.37 7.98
CA LEU A 116 25.82 -4.46 6.79
C LEU A 116 26.34 -3.52 5.71
N ALA A 117 26.98 -4.13 4.70
CA ALA A 117 27.48 -3.49 3.50
C ALA A 117 26.63 -3.82 2.29
N ASN A 118 25.56 -4.57 2.49
CA ASN A 118 24.67 -5.00 1.43
C ASN A 118 23.40 -4.14 1.58
N LYS A 119 23.24 -3.17 0.67
CA LYS A 119 22.08 -2.30 0.76
C LYS A 119 20.80 -3.09 0.60
N GLU A 120 20.87 -4.26 -0.04
CA GLU A 120 19.68 -5.03 -0.35
C GLU A 120 18.96 -5.47 0.91
N THR A 121 19.68 -6.03 1.89
CA THR A 121 19.00 -6.76 2.95
C THR A 121 18.07 -5.87 3.76
N LEU A 122 18.42 -4.60 3.91
CA LEU A 122 17.61 -3.73 4.75
C LEU A 122 16.59 -2.92 3.97
N VAL A 123 16.67 -2.90 2.64
CA VAL A 123 15.58 -2.36 1.84
C VAL A 123 14.44 -3.37 1.76
N VAL A 124 14.78 -4.65 1.88
CA VAL A 124 13.93 -5.73 1.46
C VAL A 124 13.45 -6.57 2.63
N ALA A 125 14.21 -6.64 3.71
CA ALA A 125 13.87 -7.41 4.90
C ALA A 125 14.10 -6.60 6.16
N GLY A 126 13.85 -5.29 6.12
CA GLY A 126 14.05 -4.41 7.26
C GLY A 126 13.43 -4.89 8.56
N LYS A 127 12.10 -4.85 8.64
CA LYS A 127 11.42 -5.28 9.85
C LYS A 127 11.85 -6.68 10.27
N LEU A 128 12.20 -7.52 9.30
CA LEU A 128 12.56 -8.90 9.60
C LEU A 128 13.88 -8.99 10.37
N VAL A 129 14.97 -8.53 9.75
CA VAL A 129 16.28 -8.70 10.37
C VAL A 129 16.36 -7.89 11.65
N MET A 130 15.68 -6.75 11.69
CA MET A 130 15.72 -5.90 12.87
C MET A 130 15.04 -6.58 14.05
N THR A 131 13.78 -6.95 13.90
CA THR A 131 13.07 -7.65 14.96
C THR A 131 13.82 -8.92 15.36
N HIS A 132 14.51 -9.57 14.41
CA HIS A 132 15.31 -10.74 14.75
C HIS A 132 16.62 -10.35 15.43
N ALA A 133 17.21 -9.22 15.01
CA ALA A 133 18.39 -8.72 15.69
C ALA A 133 18.07 -8.39 17.15
N LYS A 134 16.95 -7.71 17.39
CA LYS A 134 16.53 -7.51 18.76
C LYS A 134 16.19 -8.84 19.43
N ARG A 135 15.61 -9.79 18.67
CA ARG A 135 15.27 -11.10 19.21
C ARG A 135 16.51 -11.86 19.69
N TYR A 136 17.61 -11.78 18.94
CA TYR A 136 18.81 -12.52 19.30
C TYR A 136 19.88 -11.68 19.96
N GLY A 137 19.55 -10.45 20.37
CA GLY A 137 20.47 -9.67 21.19
C GLY A 137 21.78 -9.33 20.52
N VAL A 138 21.69 -8.68 19.35
CA VAL A 138 22.85 -8.36 18.53
C VAL A 138 22.53 -7.12 17.72
N ASP A 139 23.54 -6.31 17.45
CA ASP A 139 23.31 -5.05 16.76
C ASP A 139 23.80 -5.14 15.32
N ILE A 140 23.07 -4.46 14.45
CA ILE A 140 23.48 -4.23 13.08
C ILE A 140 24.17 -2.89 13.02
N LEU A 141 25.38 -2.89 12.51
CA LEU A 141 26.08 -1.66 12.28
C LEU A 141 26.07 -1.33 10.80
N PRO A 142 26.29 -0.07 10.45
CA PRO A 142 26.34 0.27 9.02
C PRO A 142 27.72 0.68 8.54
N VAL A 143 28.18 0.06 7.46
CA VAL A 143 29.22 0.62 6.61
C VAL A 143 28.49 1.23 5.42
N ASP A 144 28.74 2.52 5.20
CA ASP A 144 27.81 3.43 4.55
C ASP A 144 28.03 4.80 5.16
N SER A 145 28.59 5.72 4.41
CA SER A 145 28.82 7.05 4.94
C SER A 145 27.53 7.71 5.43
N GLU A 146 26.38 7.28 4.95
CA GLU A 146 25.13 7.90 5.37
C GLU A 146 24.72 7.39 6.75
N HIS A 147 24.58 6.07 6.92
CA HIS A 147 24.07 5.53 8.18
C HIS A 147 25.13 5.50 9.26
N ALA A 148 26.41 5.46 8.88
CA ALA A 148 27.46 5.56 9.89
C ALA A 148 27.54 6.97 10.46
N ALA A 149 27.02 7.96 9.73
CA ALA A 149 26.88 9.30 10.29
C ALA A 149 25.83 9.28 11.39
N ILE A 150 24.62 8.85 11.06
CA ILE A 150 23.53 8.82 12.03
C ILE A 150 23.97 8.08 13.28
N PHE A 151 24.63 6.93 13.09
CA PHE A 151 25.12 6.14 14.20
C PHE A 151 26.08 6.96 15.08
N GLN A 152 27.00 7.70 14.46
CA GLN A 152 27.91 8.52 15.27
C GLN A 152 27.19 9.71 15.88
N CYS A 153 26.23 10.31 15.18
CA CYS A 153 25.46 11.41 15.77
C CYS A 153 24.70 10.98 17.01
N LEU A 154 23.95 9.87 16.92
CA LEU A 154 23.16 9.43 18.07
C LEU A 154 23.99 8.75 19.15
N ASN A 155 25.26 8.41 18.89
CA ASN A 155 26.05 7.77 19.93
C ASN A 155 26.07 8.63 21.20
N GLY A 156 25.67 8.04 22.32
CA GLY A 156 25.57 8.77 23.56
C GLY A 156 24.27 9.54 23.75
N GLU A 157 23.20 9.18 23.05
CA GLU A 157 21.95 9.93 23.08
C GLU A 157 20.74 9.00 23.22
N ASP A 158 19.61 9.58 23.61
CA ASP A 158 18.31 8.91 23.74
C ASP A 158 17.56 9.08 22.42
N MET A 159 17.53 8.01 21.61
CA MET A 159 16.79 8.05 20.34
C MET A 159 15.37 8.59 20.49
N HIS A 160 14.79 8.45 21.68
CA HIS A 160 13.45 8.97 21.98
C HIS A 160 13.32 10.45 21.74
N LYS A 161 14.42 11.19 21.74
CA LYS A 161 14.37 12.64 21.66
C LYS A 161 14.83 13.16 20.30
N ILE A 162 14.72 12.34 19.24
CA ILE A 162 15.01 12.77 17.87
C ILE A 162 13.82 13.56 17.31
N LYS A 163 14.10 14.69 16.67
CA LYS A 163 13.07 15.41 15.92
C LYS A 163 13.03 14.86 14.48
N ASN A 164 14.08 15.11 13.71
CA ASN A 164 14.15 14.67 12.34
C ASN A 164 15.48 13.97 12.13
N VAL A 165 15.61 13.40 10.96
CA VAL A 165 16.89 12.95 10.45
C VAL A 165 16.97 13.51 9.04
N THR A 166 18.18 13.80 8.58
CA THR A 166 18.30 14.28 7.21
C THR A 166 19.51 13.66 6.55
N ILE A 167 19.28 12.81 5.60
CA ILE A 167 20.35 12.25 4.80
C ILE A 167 20.63 13.19 3.65
N THR A 168 21.90 13.27 3.30
CA THR A 168 22.41 14.29 2.41
C THR A 168 22.64 13.69 1.02
N ALA A 169 22.50 14.52 -0.03
CA ALA A 169 22.47 14.05 -1.41
C ALA A 169 23.39 14.87 -2.32
N SER A 170 24.07 14.19 -3.24
CA SER A 170 24.90 14.89 -4.23
C SER A 170 24.14 15.24 -5.50
N GLY A 171 23.12 14.48 -5.86
CA GLY A 171 22.34 14.79 -7.05
C GLY A 171 22.78 14.08 -8.32
N GLY A 172 23.75 13.19 -8.24
CA GLY A 172 24.17 12.40 -9.38
C GLY A 172 24.73 13.25 -10.52
N SER A 173 24.96 12.55 -11.64
CA SER A 173 25.60 13.20 -12.77
C SER A 173 24.77 14.34 -13.35
N PHE A 174 23.46 14.35 -13.13
CA PHE A 174 22.57 15.31 -13.80
C PHE A 174 21.93 16.29 -12.83
N ARG A 175 22.57 16.54 -11.68
CA ARG A 175 22.10 17.57 -10.76
C ARG A 175 21.72 18.86 -11.49
N GLU A 176 22.59 19.30 -12.41
CA GLU A 176 22.43 20.57 -13.14
C GLU A 176 21.42 20.53 -14.28
N LEU A 177 20.82 19.36 -14.59
CA LEU A 177 19.92 19.22 -15.73
C LEU A 177 18.45 19.16 -15.29
N THR A 178 17.57 19.43 -16.26
CA THR A 178 16.13 19.35 -16.08
C THR A 178 15.60 18.13 -16.83
N ARG A 179 14.50 17.55 -16.30
CA ARG A 179 13.96 16.31 -16.88
C ARG A 179 13.74 16.41 -18.37
N GLU A 180 13.65 17.65 -18.89
CA GLU A 180 13.53 17.88 -20.32
C GLU A 180 14.85 17.57 -21.03
N GLN A 181 15.97 18.04 -20.49
CA GLN A 181 17.27 17.77 -21.09
C GLN A 181 17.69 16.31 -20.96
N LEU A 182 17.02 15.54 -20.12
CA LEU A 182 17.40 14.14 -19.92
C LEU A 182 16.74 13.20 -20.91
N GLU A 183 16.05 13.73 -21.92
CA GLU A 183 15.73 12.94 -23.11
C GLU A 183 16.96 12.76 -23.99
N HIS A 184 17.96 13.64 -23.85
CA HIS A 184 19.19 13.64 -24.66
C HIS A 184 20.34 12.86 -24.03
N VAL A 185 20.13 12.18 -22.89
CA VAL A 185 21.26 11.67 -22.12
C VAL A 185 21.63 10.26 -22.55
N THR A 186 22.92 9.98 -22.44
CA THR A 186 23.52 8.71 -22.82
C THR A 186 24.11 8.01 -21.61
N VAL A 187 24.41 6.72 -21.79
CA VAL A 187 25.05 5.92 -20.73
C VAL A 187 26.43 6.49 -20.38
N GLY A 188 27.12 7.10 -21.34
CA GLY A 188 28.45 7.62 -21.06
C GLY A 188 28.45 8.93 -20.29
N ASP A 189 27.46 9.79 -20.52
CA ASP A 189 27.35 11.02 -19.74
C ASP A 189 26.68 10.80 -18.40
N ALA A 190 26.05 9.62 -18.19
CA ALA A 190 25.50 9.24 -16.89
C ALA A 190 26.59 8.88 -15.88
N LEU A 191 27.73 8.39 -16.36
CA LEU A 191 28.82 7.94 -15.51
C LEU A 191 29.94 8.97 -15.34
N ASN A 192 29.72 10.23 -15.71
CA ASN A 192 30.69 11.29 -15.47
C ASN A 192 30.47 11.94 -14.12
N HIS A 193 30.76 11.17 -13.07
CA HIS A 193 30.54 11.55 -11.69
C HIS A 193 31.63 10.98 -10.81
N PRO A 194 31.93 11.60 -9.66
CA PRO A 194 32.92 11.01 -8.75
C PRO A 194 32.54 9.62 -8.24
N ASN A 195 31.23 9.30 -8.16
CA ASN A 195 30.83 7.96 -7.76
C ASN A 195 31.30 6.90 -8.74
N TRP A 196 32.03 7.31 -9.78
CA TRP A 196 32.48 6.39 -10.82
C TRP A 196 33.12 5.13 -10.24
N SER A 197 33.87 5.25 -9.13
CA SER A 197 34.47 4.10 -8.45
C SER A 197 33.42 3.06 -8.06
N MET A 198 33.58 1.83 -8.55
CA MET A 198 32.59 0.76 -8.49
C MET A 198 31.16 1.29 -8.44
N GLY A 199 30.87 2.25 -9.30
CA GLY A 199 29.57 2.85 -9.37
C GLY A 199 28.71 2.41 -10.52
N ASN A 200 29.20 1.50 -11.37
CA ASN A 200 28.49 1.13 -12.59
C ASN A 200 27.00 0.97 -12.33
N LYS A 201 26.64 0.17 -11.33
CA LYS A 201 25.24 0.16 -10.90
C LYS A 201 24.96 1.32 -9.95
N ILE A 202 25.92 1.71 -9.11
CA ILE A 202 25.64 2.70 -8.07
C ILE A 202 25.59 4.13 -8.61
N THR A 203 26.33 4.44 -9.69
CA THR A 203 26.25 5.77 -10.28
C THR A 203 24.87 6.01 -10.87
N ILE A 204 24.32 5.01 -11.54
CA ILE A 204 22.95 5.12 -12.05
C ILE A 204 21.99 5.40 -10.92
N ASP A 205 22.10 4.63 -9.83
CA ASP A 205 21.30 4.90 -8.64
C ASP A 205 21.51 6.30 -8.12
N SER A 206 22.72 6.85 -8.29
CA SER A 206 22.98 8.22 -7.90
C SER A 206 22.39 9.20 -8.89
N ALA A 207 22.43 8.86 -10.18
CA ALA A 207 21.85 9.74 -11.19
C ALA A 207 20.33 9.80 -11.08
N THR A 208 19.68 8.71 -10.65
CA THR A 208 18.25 8.71 -10.49
C THR A 208 17.79 8.97 -9.05
N MET A 209 18.74 9.02 -8.11
CA MET A 209 18.52 9.11 -6.68
C MET A 209 17.72 7.93 -6.13
N MET A 210 17.77 6.80 -6.82
CA MET A 210 17.40 5.56 -6.15
C MET A 210 18.35 5.25 -5.00
N ASN A 211 19.62 5.66 -5.15
CA ASN A 211 20.64 5.35 -4.16
C ASN A 211 20.23 5.80 -2.77
N LYS A 212 19.72 7.04 -2.68
CA LYS A 212 19.32 7.59 -1.40
C LYS A 212 17.90 7.25 -1.03
N GLY A 213 17.02 7.08 -2.00
CA GLY A 213 15.77 6.41 -1.71
C GLY A 213 16.05 5.16 -0.91
N PHE A 214 16.98 4.34 -1.40
CA PHE A 214 17.29 3.08 -0.74
C PHE A 214 17.71 3.31 0.71
N GLU A 215 18.45 4.38 0.98
CA GLU A 215 18.95 4.60 2.33
C GLU A 215 17.94 5.28 3.25
N VAL A 216 16.88 5.90 2.72
CA VAL A 216 15.82 6.33 3.62
C VAL A 216 15.02 5.12 4.12
N ILE A 217 14.88 4.08 3.28
CA ILE A 217 14.20 2.89 3.73
C ILE A 217 15.05 2.16 4.76
N GLU A 218 16.37 2.08 4.53
CA GLU A 218 17.20 1.44 5.54
C GLU A 218 17.19 2.23 6.83
N ALA A 219 17.23 3.56 6.72
CA ALA A 219 17.25 4.38 7.92
C ALA A 219 16.01 4.11 8.76
N LYS A 220 14.86 4.05 8.10
CA LYS A 220 13.58 3.83 8.78
C LYS A 220 13.63 2.60 9.70
N TRP A 221 14.26 1.52 9.25
CA TRP A 221 14.25 0.31 10.06
C TRP A 221 15.42 0.25 11.03
N LEU A 222 16.57 0.75 10.60
CA LEU A 222 17.78 0.72 11.42
C LEU A 222 17.62 1.55 12.69
N PHE A 223 17.05 2.74 12.58
CA PHE A 223 16.98 3.64 13.72
C PHE A 223 15.57 3.78 14.27
N ASP A 224 14.67 2.88 13.88
CA ASP A 224 13.26 2.87 14.30
C ASP A 224 12.59 4.22 14.03
N LEU A 225 12.58 4.64 12.78
CA LEU A 225 12.02 5.95 12.46
C LEU A 225 10.62 5.91 11.85
N LYS A 226 9.87 6.97 12.14
CA LYS A 226 8.66 7.31 11.41
C LYS A 226 9.02 8.09 10.15
N ILE A 227 8.12 8.08 9.17
CA ILE A 227 8.45 8.65 7.87
C ILE A 227 8.55 10.18 7.93
N ASP A 228 7.88 10.84 8.89
CA ASP A 228 7.87 12.31 8.87
C ASP A 228 9.21 12.89 9.32
N GLN A 229 9.95 12.15 10.14
CA GLN A 229 11.39 12.31 10.27
C GLN A 229 12.04 11.96 8.94
N ILE A 230 13.27 11.45 8.94
CA ILE A 230 13.94 11.09 7.69
C ILE A 230 13.71 12.11 6.57
N LYS A 231 14.41 13.24 6.62
CA LYS A 231 14.31 14.19 5.53
C LYS A 231 15.53 14.04 4.60
N THR A 232 15.58 14.84 3.57
CA THR A 232 16.66 14.74 2.59
C THR A 232 16.96 16.11 2.03
N ILE A 233 18.23 16.35 1.71
CA ILE A 233 18.63 17.63 1.19
C ILE A 233 19.72 17.42 0.14
N LEU A 234 19.74 18.32 -0.85
CA LEU A 234 20.81 18.32 -1.84
C LEU A 234 22.01 19.08 -1.28
N HIS A 235 23.16 18.41 -1.20
CA HIS A 235 24.41 18.98 -0.71
C HIS A 235 25.47 18.53 -1.72
N LYS A 236 25.85 19.47 -2.59
CA LYS A 236 26.66 19.16 -3.77
C LYS A 236 28.06 18.64 -3.39
N GLU A 237 28.67 19.20 -2.35
CA GLU A 237 30.06 18.87 -2.02
C GLU A 237 30.20 17.46 -1.45
N SER A 238 29.13 16.90 -0.88
CA SER A 238 29.16 15.60 -0.20
C SER A 238 30.24 15.53 0.86
N ILE A 239 30.41 16.61 1.64
CA ILE A 239 31.30 16.58 2.80
C ILE A 239 30.54 16.26 4.07
N ILE A 240 29.40 16.90 4.26
CA ILE A 240 28.50 16.52 5.35
C ILE A 240 27.75 15.25 4.94
N HIS A 241 27.83 14.22 5.76
CA HIS A 241 27.23 12.96 5.37
C HIS A 241 25.86 12.76 5.95
N SER A 242 25.55 13.36 7.12
CA SER A 242 24.17 13.32 7.60
C SER A 242 23.92 14.14 8.86
N LEU A 243 22.69 14.63 8.98
CA LEU A 243 22.28 15.53 10.06
C LEU A 243 21.26 14.85 10.97
N VAL A 244 21.37 15.09 12.28
CA VAL A 244 20.34 14.68 13.22
C VAL A 244 19.93 15.86 14.08
N GLU A 245 18.62 16.11 14.20
CA GLU A 245 18.12 17.18 15.05
C GLU A 245 17.29 16.59 16.17
N PHE A 246 17.42 17.14 17.37
CA PHE A 246 16.71 16.65 18.55
C PHE A 246 15.61 17.63 18.95
N VAL A 247 14.74 17.16 19.85
CA VAL A 247 13.56 17.93 20.25
C VAL A 247 13.95 19.23 20.93
N ASP A 248 15.19 19.37 21.36
CA ASP A 248 15.69 20.63 21.92
C ASP A 248 16.17 21.63 20.86
N THR A 249 16.25 21.21 19.57
CA THR A 249 16.65 21.96 18.35
C THR A 249 18.10 21.74 17.93
N SER A 250 18.93 21.22 18.83
CA SER A 250 20.32 20.91 18.51
C SER A 250 20.46 19.99 17.30
N VAL A 251 21.51 20.22 16.49
CA VAL A 251 21.70 19.60 15.19
C VAL A 251 23.10 18.98 15.12
N MET A 252 23.22 17.66 15.26
CA MET A 252 24.54 17.06 15.06
C MET A 252 24.72 16.59 13.62
N ALA A 253 25.98 16.38 13.24
CA ALA A 253 26.31 15.98 11.88
C ALA A 253 27.68 15.35 11.89
N GLN A 254 27.95 14.52 10.90
CA GLN A 254 29.27 13.97 10.73
C GLN A 254 29.77 14.37 9.36
N LEU A 255 31.02 14.84 9.28
CA LEU A 255 31.61 15.36 8.05
C LEU A 255 32.81 14.51 7.70
N GLY A 256 33.09 14.35 6.41
CA GLY A 256 34.18 13.45 6.12
C GLY A 256 34.66 13.44 4.70
N THR A 257 35.85 12.85 4.55
CA THR A 257 36.39 12.41 3.27
C THR A 257 35.50 11.31 2.67
N PRO A 258 35.55 11.15 1.37
CA PRO A 258 34.83 10.06 0.69
C PRO A 258 35.60 8.73 0.71
N ASP A 259 35.99 8.29 1.89
CA ASP A 259 36.83 7.11 2.07
C ASP A 259 36.00 6.08 2.83
N MET A 260 35.71 4.95 2.19
CA MET A 260 34.88 3.97 2.89
C MET A 260 35.68 3.11 3.86
N ARG A 261 37.01 3.25 3.88
CA ARG A 261 37.79 2.62 4.95
C ARG A 261 37.45 3.21 6.29
N MET A 262 36.99 4.47 6.32
CA MET A 262 36.57 5.07 7.57
C MET A 262 35.37 4.36 8.18
N PRO A 263 34.19 4.33 7.56
CA PRO A 263 33.07 3.62 8.21
C PRO A 263 33.33 2.14 8.45
N ILE A 264 33.82 1.40 7.44
CA ILE A 264 34.30 0.03 7.60
C ILE A 264 35.02 -0.14 8.94
N GLN A 265 36.03 0.69 9.18
CA GLN A 265 36.86 0.53 10.38
C GLN A 265 36.12 0.93 11.64
N TYR A 266 35.24 1.93 11.56
CA TYR A 266 34.42 2.28 12.71
C TYR A 266 33.44 1.15 13.02
N ALA A 267 32.86 0.56 11.98
CA ALA A 267 32.01 -0.61 12.16
C ALA A 267 32.73 -1.70 12.93
N PHE A 268 33.99 -1.96 12.55
CA PHE A 268 34.73 -3.03 13.20
C PHE A 268 34.90 -2.75 14.68
N THR A 269 35.20 -1.51 15.03
CA THR A 269 35.60 -1.14 16.38
C THR A 269 34.44 -0.69 17.28
N TYR A 270 33.18 -0.76 16.78
CA TYR A 270 31.98 0.01 17.14
C TYR A 270 32.25 0.92 18.34
N PRO A 271 32.13 0.49 19.60
CA PRO A 271 32.24 1.53 20.65
C PRO A 271 33.57 2.29 20.58
N GLU A 272 34.67 1.58 20.33
CA GLU A 272 35.97 2.18 20.09
C GLU A 272 36.05 2.82 18.70
N ARG A 273 37.17 3.50 18.44
CA ARG A 273 37.41 4.20 17.18
C ARG A 273 38.73 3.80 16.49
N ILE A 274 39.88 4.22 17.08
CA ILE A 274 41.27 3.86 16.77
C ILE A 274 41.80 4.44 15.45
N GLU A 275 43.12 4.51 15.34
CA GLU A 275 43.81 5.43 14.44
C GLU A 275 43.68 5.00 12.98
N HIS A 276 43.23 5.91 12.13
CA HIS A 276 43.16 5.68 10.70
C HIS A 276 44.11 6.65 10.04
N ARG A 277 45.17 6.13 9.43
CA ARG A 277 46.24 6.91 8.84
C ARG A 277 45.84 7.26 7.41
N ALA A 278 45.13 8.37 7.28
CA ALA A 278 44.77 8.94 5.98
C ALA A 278 44.76 10.46 6.15
N PRO A 279 44.67 11.22 5.06
CA PRO A 279 44.61 12.68 5.23
C PRO A 279 43.25 13.10 5.76
N SER A 280 43.28 13.88 6.84
CA SER A 280 42.09 14.42 7.45
C SER A 280 41.34 15.35 6.50
N LEU A 281 40.19 15.83 6.91
CA LEU A 281 39.38 16.71 6.08
C LEU A 281 39.82 18.16 6.31
N ASP A 282 40.41 18.76 5.27
CA ASP A 282 40.80 20.18 5.31
C ASP A 282 39.60 20.98 4.82
N LEU A 283 38.91 21.64 5.76
CA LEU A 283 37.74 22.44 5.43
C LEU A 283 38.11 23.75 4.77
N VAL A 284 39.33 24.26 4.95
CA VAL A 284 39.68 25.52 4.32
C VAL A 284 39.92 25.35 2.81
N GLN A 285 40.11 24.12 2.32
CA GLN A 285 40.33 23.92 0.89
C GLN A 285 39.01 23.75 0.12
N VAL A 286 38.03 23.03 0.67
CA VAL A 286 36.67 23.10 0.15
C VAL A 286 36.06 24.35 0.77
N ALA A 287 36.07 25.46 0.03
CA ALA A 287 35.74 26.74 0.66
C ALA A 287 34.30 26.81 1.17
N GLN A 288 33.34 26.14 0.50
CA GLN A 288 31.93 26.24 0.89
C GLN A 288 31.24 24.89 0.94
N LEU A 289 30.03 24.90 1.49
CA LEU A 289 29.12 23.76 1.49
C LEU A 289 27.76 24.25 1.02
N HIS A 290 27.21 23.65 -0.02
CA HIS A 290 25.98 24.15 -0.58
C HIS A 290 24.79 23.27 -0.20
N PHE A 291 23.61 23.87 -0.25
CA PHE A 291 22.41 23.24 0.29
C PHE A 291 21.19 23.72 -0.47
N GLN A 292 20.58 22.81 -1.24
CA GLN A 292 19.33 23.06 -1.94
C GLN A 292 18.27 22.05 -1.51
N GLU A 293 17.01 22.50 -1.59
CA GLU A 293 15.90 21.61 -1.27
C GLU A 293 15.83 20.46 -2.27
N MET A 294 15.40 19.30 -1.75
CA MET A 294 15.11 18.13 -2.56
C MET A 294 13.83 18.38 -3.35
N ASP A 295 13.88 18.15 -4.65
CA ASP A 295 12.73 18.34 -5.53
C ASP A 295 12.22 16.97 -5.98
N LEU A 296 11.09 16.54 -5.42
CA LEU A 296 10.56 15.21 -5.69
C LEU A 296 9.91 15.10 -7.07
N ASP A 297 9.49 16.23 -7.66
CA ASP A 297 9.11 16.20 -9.07
C ASP A 297 10.32 15.82 -9.91
N ARG A 298 11.48 16.38 -9.56
CA ARG A 298 12.70 16.21 -10.34
C ARG A 298 13.30 14.82 -10.17
N TYR A 299 13.07 14.17 -9.04
CA TYR A 299 13.58 12.84 -8.79
C TYR A 299 12.38 11.95 -8.40
N ARG A 300 11.56 11.58 -9.38
CA ARG A 300 10.41 10.72 -9.09
C ARG A 300 10.82 9.41 -8.43
N CYS A 301 11.98 8.87 -8.84
CA CYS A 301 12.60 7.75 -8.14
C CYS A 301 12.70 7.95 -6.63
N LEU A 302 12.86 9.18 -6.16
CA LEU A 302 12.95 9.34 -4.72
C LEU A 302 11.58 9.22 -4.08
N LYS A 303 10.55 9.80 -4.72
CA LYS A 303 9.18 9.62 -4.25
C LYS A 303 8.81 8.15 -4.21
N PHE A 304 9.33 7.37 -5.17
CA PHE A 304 9.00 5.95 -5.23
C PHE A 304 9.43 5.21 -3.97
N ALA A 305 10.56 5.60 -3.39
CA ALA A 305 11.01 4.99 -2.14
C ALA A 305 10.17 5.48 -0.96
N TYR A 306 9.81 6.76 -0.96
CA TYR A 306 8.90 7.21 0.09
C TYR A 306 7.53 6.56 -0.09
N ASP A 307 7.15 6.27 -1.33
CA ASP A 307 5.95 5.50 -1.59
C ASP A 307 6.08 4.08 -1.04
N ALA A 308 7.13 3.35 -1.46
CA ALA A 308 7.35 2.00 -0.93
C ALA A 308 7.36 2.00 0.59
N LEU A 309 7.90 3.06 1.20
CA LEU A 309 7.91 3.17 2.65
C LEU A 309 6.52 3.44 3.21
N ARG A 310 5.72 4.24 2.50
CA ARG A 310 4.37 4.55 2.98
C ARG A 310 3.47 3.33 3.01
N ILE A 311 3.73 2.36 2.13
CA ILE A 311 2.87 1.19 2.06
C ILE A 311 3.38 0.08 2.97
N GLY A 312 4.67 -0.19 2.96
CA GLY A 312 5.19 -1.29 3.74
C GLY A 312 5.07 -2.61 2.99
N GLY A 313 5.18 -3.68 3.77
CA GLY A 313 4.99 -5.02 3.24
C GLY A 313 5.99 -5.35 2.16
N SER A 314 5.50 -5.98 1.09
CA SER A 314 6.32 -6.46 -0.02
C SER A 314 6.67 -5.38 -1.02
N MET A 315 6.06 -4.20 -0.93
CA MET A 315 6.29 -3.17 -1.93
C MET A 315 7.76 -2.77 -2.06
N PRO A 316 8.55 -2.64 -0.98
CA PRO A 316 9.98 -2.34 -1.16
C PRO A 316 10.76 -3.43 -1.91
N VAL A 317 10.33 -4.69 -1.82
CA VAL A 317 11.03 -5.74 -2.56
C VAL A 317 10.84 -5.56 -4.05
N VAL A 318 9.67 -5.06 -4.47
CA VAL A 318 9.42 -4.79 -5.88
C VAL A 318 10.33 -3.69 -6.36
N LEU A 319 10.51 -2.66 -5.54
CA LEU A 319 11.34 -1.54 -5.92
C LEU A 319 12.78 -2.00 -6.19
N ASN A 320 13.37 -2.77 -5.27
CA ASN A 320 14.77 -3.14 -5.45
C ASN A 320 14.96 -4.03 -6.67
N ALA A 321 14.09 -5.02 -6.83
CA ALA A 321 14.24 -5.98 -7.92
C ALA A 321 14.02 -5.33 -9.28
N VAL A 322 13.01 -4.48 -9.41
CA VAL A 322 12.74 -3.86 -10.69
C VAL A 322 13.81 -2.83 -11.03
N ASN A 323 14.18 -1.98 -10.05
CA ASN A 323 15.26 -1.01 -10.30
C ASN A 323 16.53 -1.73 -10.70
N GLU A 324 16.75 -2.91 -10.13
CA GLU A 324 17.87 -3.74 -10.56
C GLU A 324 17.81 -4.01 -12.06
N VAL A 325 16.69 -4.56 -12.55
CA VAL A 325 16.65 -4.93 -13.97
C VAL A 325 16.65 -3.69 -14.87
N ALA A 326 15.93 -2.64 -14.46
CA ALA A 326 15.84 -1.44 -15.30
C ALA A 326 17.18 -0.72 -15.42
N VAL A 327 17.91 -0.59 -14.31
CA VAL A 327 19.28 -0.06 -14.35
C VAL A 327 20.18 -0.95 -15.20
N ALA A 328 20.17 -2.26 -14.90
CA ALA A 328 20.95 -3.22 -15.68
C ALA A 328 20.69 -3.10 -17.18
N LYS A 329 19.41 -3.03 -17.57
CA LYS A 329 19.09 -2.97 -18.99
C LYS A 329 19.53 -1.64 -19.64
N PHE A 330 19.41 -0.52 -18.91
CA PHE A 330 19.83 0.78 -19.46
C PHE A 330 21.28 0.73 -19.91
N LEU A 331 22.13 0.03 -19.15
CA LEU A 331 23.56 -0.03 -19.45
C LEU A 331 23.82 -0.87 -20.69
N ASN A 332 22.98 -1.86 -20.96
CA ASN A 332 23.07 -2.64 -22.19
C ASN A 332 22.35 -1.95 -23.38
N HIS A 333 22.14 -0.63 -23.30
CA HIS A 333 21.41 0.13 -24.31
C HIS A 333 20.08 -0.50 -24.74
N GLU A 334 19.55 -1.44 -23.96
CA GLU A 334 18.20 -1.93 -24.20
C GLU A 334 17.13 -0.88 -23.87
N ILE A 335 17.48 0.13 -23.06
CA ILE A 335 16.50 0.99 -22.41
C ILE A 335 17.08 2.40 -22.27
N THR A 336 16.21 3.41 -22.41
CA THR A 336 16.61 4.80 -22.37
C THR A 336 16.39 5.37 -20.96
N PHE A 337 17.19 6.38 -20.60
CA PHE A 337 17.35 6.78 -19.20
C PHE A 337 16.03 7.03 -18.49
N LEU A 338 15.17 7.87 -19.06
CA LEU A 338 13.89 8.15 -18.41
C LEU A 338 13.02 6.91 -18.22
N GLU A 339 13.30 5.81 -18.95
CA GLU A 339 12.47 4.61 -18.83
C GLU A 339 12.58 3.97 -17.45
N ILE A 340 13.78 3.92 -16.89
CA ILE A 340 13.98 3.38 -15.55
C ILE A 340 12.93 3.94 -14.60
N GLU A 341 12.68 5.24 -14.66
CA GLU A 341 11.64 5.83 -13.85
C GLU A 341 10.27 5.26 -14.19
N HIS A 342 10.03 4.93 -15.46
CA HIS A 342 8.73 4.43 -15.90
C HIS A 342 8.57 2.93 -15.66
N MET A 343 9.60 2.15 -16.01
CA MET A 343 9.60 0.71 -15.83
C MET A 343 9.28 0.32 -14.38
N ILE A 344 9.92 0.97 -13.41
CA ILE A 344 9.59 0.76 -12.00
C ILE A 344 8.16 1.17 -11.70
N GLU A 345 7.73 2.32 -12.24
CA GLU A 345 6.44 2.88 -11.87
C GLU A 345 5.30 1.96 -12.26
N ARG A 346 5.36 1.41 -13.47
CA ARG A 346 4.31 0.52 -13.94
C ARG A 346 4.22 -0.73 -13.07
N GLU A 347 5.34 -1.44 -12.91
CA GLU A 347 5.35 -2.66 -12.11
C GLU A 347 4.84 -2.40 -10.69
N MET A 348 5.22 -1.26 -10.12
CA MET A 348 4.79 -0.90 -8.77
C MET A 348 3.28 -0.80 -8.71
N SER A 349 2.70 0.06 -9.56
CA SER A 349 1.26 0.29 -9.55
C SER A 349 0.48 -1.01 -9.68
N ALA A 350 1.01 -1.96 -10.47
CA ALA A 350 0.36 -3.25 -10.67
C ALA A 350 0.61 -4.26 -9.56
N HIS A 351 1.56 -4.02 -8.67
CA HIS A 351 1.95 -5.06 -7.73
C HIS A 351 0.87 -5.31 -6.69
N GLU A 352 0.83 -6.55 -6.20
CA GLU A 352 -0.32 -7.00 -5.43
C GLU A 352 -0.21 -6.71 -3.93
N VAL A 353 0.99 -6.74 -3.36
CA VAL A 353 1.25 -6.30 -1.98
C VAL A 353 0.86 -7.35 -0.94
N ILE A 354 1.87 -8.01 -0.37
CA ILE A 354 1.74 -8.88 0.79
C ILE A 354 2.02 -8.03 2.01
N PRO A 355 1.22 -8.14 3.08
CA PRO A 355 1.39 -7.26 4.24
C PRO A 355 2.63 -7.50 5.11
N ASP A 356 2.89 -8.73 5.54
CA ASP A 356 4.10 -9.01 6.31
C ASP A 356 4.80 -10.23 5.72
N PRO A 357 5.66 -10.03 4.73
CA PRO A 357 6.32 -11.16 4.09
C PRO A 357 7.27 -11.83 5.06
N SER A 358 7.51 -13.11 4.82
CA SER A 358 8.58 -13.80 5.49
C SER A 358 9.74 -13.91 4.51
N LEU A 359 10.81 -14.56 4.91
CA LEU A 359 12.00 -14.61 4.08
C LEU A 359 11.71 -15.23 2.71
N GLU A 360 10.99 -16.34 2.68
CA GLU A 360 10.75 -17.08 1.44
C GLU A 360 9.81 -16.35 0.49
N GLU A 361 8.77 -15.70 1.01
CA GLU A 361 8.00 -14.77 0.18
C GLU A 361 8.93 -13.74 -0.43
N ILE A 362 9.67 -13.02 0.44
CA ILE A 362 10.60 -11.98 0.00
C ILE A 362 11.53 -12.51 -1.09
N LEU A 363 12.10 -13.70 -0.87
CA LEU A 363 13.00 -14.26 -1.86
C LEU A 363 12.27 -14.59 -3.16
N GLU A 364 11.07 -15.16 -3.05
CA GLU A 364 10.31 -15.51 -4.25
C GLU A 364 9.81 -14.26 -5.00
N ILE A 365 9.21 -13.31 -4.28
CA ILE A 365 8.85 -12.03 -4.90
C ILE A 365 10.08 -11.38 -5.56
N ASP A 366 11.27 -11.61 -5.01
CA ASP A 366 12.47 -11.07 -5.62
C ASP A 366 12.80 -11.81 -6.92
N HIS A 367 12.79 -13.14 -6.87
CA HIS A 367 13.17 -13.90 -8.05
C HIS A 367 12.27 -13.58 -9.23
N TYR A 368 10.94 -13.58 -9.03
CA TYR A 368 10.02 -13.40 -10.13
C TYR A 368 10.29 -12.08 -10.86
N TYR A 369 10.47 -10.98 -10.13
CA TYR A 369 10.63 -9.68 -10.76
C TYR A 369 12.00 -9.51 -11.41
N LYS A 370 13.00 -10.29 -10.97
CA LYS A 370 14.31 -10.22 -11.61
C LYS A 370 14.36 -10.98 -12.93
N THR A 371 13.49 -12.00 -13.09
CA THR A 371 13.54 -12.96 -14.19
C THR A 371 12.34 -12.93 -15.13
N LYS A 372 11.23 -12.28 -14.78
CA LYS A 372 10.08 -12.17 -15.67
C LYS A 372 10.44 -11.49 -16.99
N SER A 373 9.44 -11.12 -17.77
CA SER A 373 9.67 -10.46 -19.04
C SER A 373 9.32 -8.98 -18.96
N TYR A 374 10.05 -8.17 -19.71
CA TYR A 374 9.77 -6.74 -19.80
C TYR A 374 9.80 -6.32 -21.25
N MET B 1 -44.61 -13.11 10.44
CA MET B 1 -44.13 -11.74 10.22
C MET B 1 -42.61 -11.60 10.31
N LYS B 2 -42.01 -10.74 9.48
CA LYS B 2 -40.65 -10.31 9.74
C LYS B 2 -40.63 -8.84 10.11
N ASN B 3 -39.84 -8.51 11.12
CA ASN B 3 -39.72 -7.13 11.59
C ASN B 3 -38.49 -6.48 10.94
N ILE B 4 -38.73 -5.42 10.15
CA ILE B 4 -37.72 -4.79 9.32
C ILE B 4 -37.27 -3.46 9.93
N ALA B 5 -35.96 -3.25 9.97
CA ALA B 5 -35.38 -1.94 10.31
C ALA B 5 -34.81 -1.30 9.06
N ILE B 6 -35.15 -0.03 8.82
CA ILE B 6 -34.62 0.71 7.68
C ILE B 6 -33.72 1.84 8.20
N LEU B 7 -32.43 1.76 7.89
CA LEU B 7 -31.51 2.82 8.31
C LEU B 7 -31.67 4.06 7.44
N GLY B 8 -31.42 3.95 6.15
CA GLY B 8 -31.55 5.18 5.38
C GLY B 8 -32.92 5.42 4.76
N ALA B 9 -33.95 5.64 5.58
CA ALA B 9 -35.33 5.52 5.12
C ALA B 9 -35.75 6.66 4.20
N SER B 10 -35.21 7.86 4.40
CA SER B 10 -35.54 9.04 3.60
C SER B 10 -34.81 9.08 2.26
N GLY B 11 -34.01 8.07 1.92
CA GLY B 11 -33.30 8.04 0.67
C GLY B 11 -34.04 7.28 -0.42
N SER B 12 -33.40 7.20 -1.58
CA SER B 12 -33.99 6.49 -2.71
C SER B 12 -34.24 5.03 -2.35
N ILE B 13 -33.20 4.35 -1.85
CA ILE B 13 -33.34 2.94 -1.53
C ILE B 13 -34.31 2.76 -0.37
N GLY B 14 -34.31 3.68 0.59
CA GLY B 14 -35.19 3.54 1.72
C GLY B 14 -36.65 3.66 1.33
N GLN B 15 -36.97 4.69 0.54
CA GLN B 15 -38.33 4.83 0.02
C GLN B 15 -38.79 3.55 -0.68
N GLN B 16 -37.97 3.04 -1.61
CA GLN B 16 -38.38 1.86 -2.37
C GLN B 16 -38.58 0.66 -1.47
N ALA B 17 -37.90 0.61 -0.32
CA ALA B 17 -38.11 -0.48 0.62
C ALA B 17 -39.39 -0.30 1.44
N ILE B 18 -39.88 0.92 1.58
CA ILE B 18 -41.14 1.15 2.27
C ILE B 18 -42.30 0.74 1.38
N ASP B 19 -42.19 1.02 0.07
CA ASP B 19 -43.18 0.52 -0.88
C ASP B 19 -43.30 -0.99 -0.79
N VAL B 20 -42.17 -1.71 -0.86
CA VAL B 20 -42.17 -3.17 -0.72
C VAL B 20 -42.92 -3.59 0.55
N ILE B 21 -42.61 -2.94 1.67
CA ILE B 21 -43.34 -3.22 2.91
C ILE B 21 -44.84 -2.91 2.74
N ALA B 22 -45.16 -1.86 1.98
CA ALA B 22 -46.54 -1.46 1.75
C ALA B 22 -47.25 -2.34 0.73
N ARG B 23 -46.50 -3.14 -0.01
CA ARG B 23 -47.08 -4.12 -0.92
C ARG B 23 -47.23 -5.50 -0.29
N HIS B 24 -46.75 -5.70 0.95
CA HIS B 24 -46.83 -7.02 1.60
C HIS B 24 -47.08 -6.91 3.10
N PRO B 25 -48.23 -6.29 3.52
CA PRO B 25 -48.60 -6.32 4.94
C PRO B 25 -48.62 -7.71 5.58
N GLU B 26 -48.75 -8.76 4.78
CA GLU B 26 -48.90 -10.09 5.37
C GLU B 26 -47.57 -10.62 5.90
N SER B 27 -46.47 -10.35 5.21
CA SER B 27 -45.17 -10.93 5.54
C SER B 27 -44.17 -9.98 6.19
N PHE B 28 -44.36 -8.66 6.07
CA PHE B 28 -43.38 -7.71 6.60
C PHE B 28 -44.01 -6.78 7.62
N ASN B 29 -43.14 -6.11 8.39
CA ASN B 29 -43.54 -5.02 9.26
C ASN B 29 -42.40 -4.01 9.37
N LEU B 30 -42.75 -2.72 9.50
CA LEU B 30 -41.75 -1.66 9.68
C LEU B 30 -41.68 -1.33 11.16
N ILE B 31 -40.64 -1.84 11.82
CA ILE B 31 -40.59 -1.81 13.28
C ILE B 31 -39.79 -0.62 13.77
N SER B 32 -38.80 -0.20 12.99
CA SER B 32 -37.92 0.91 13.34
C SER B 32 -37.39 1.56 12.06
N PHE B 33 -37.03 2.83 12.16
CA PHE B 33 -36.38 3.46 11.02
C PHE B 33 -35.65 4.71 11.46
N THR B 34 -34.83 5.21 10.54
CA THR B 34 -33.99 6.39 10.71
C THR B 34 -34.22 7.32 9.53
N VAL B 35 -34.39 8.60 9.82
CA VAL B 35 -34.27 9.61 8.79
C VAL B 35 -33.08 10.50 9.09
N GLY B 36 -32.78 11.36 8.13
CA GLY B 36 -32.00 12.56 8.35
C GLY B 36 -32.72 13.68 7.65
N LYS B 37 -33.17 14.67 8.44
CA LYS B 37 -33.60 15.98 7.94
C LYS B 37 -34.92 16.01 7.16
N ASN B 38 -35.47 14.89 6.71
CA ASN B 38 -36.78 14.91 6.05
C ASN B 38 -37.87 14.52 7.06
N ILE B 39 -38.20 15.48 7.93
CA ILE B 39 -39.09 15.18 9.04
C ILE B 39 -40.52 14.95 8.56
N GLU B 40 -40.96 15.66 7.52
CA GLU B 40 -42.29 15.41 6.95
C GLU B 40 -42.46 13.96 6.52
N PHE B 41 -41.42 13.40 5.90
CA PHE B 41 -41.45 11.99 5.51
C PHE B 41 -41.65 11.10 6.73
N ALA B 42 -40.99 11.44 7.85
CA ALA B 42 -41.09 10.62 9.05
C ALA B 42 -42.52 10.57 9.58
N ILE B 43 -43.20 11.72 9.59
CA ILE B 43 -44.59 11.76 10.06
C ILE B 43 -45.47 10.89 9.16
N GLU B 44 -45.24 10.95 7.85
CA GLU B 44 -46.05 10.12 6.95
C GLU B 44 -45.86 8.64 7.26
N VAL B 45 -44.62 8.21 7.50
CA VAL B 45 -44.35 6.81 7.75
C VAL B 45 -44.89 6.37 9.10
N ILE B 46 -44.74 7.22 10.13
CA ILE B 46 -45.25 6.88 11.47
C ILE B 46 -46.77 6.76 11.45
N GLU B 47 -47.43 7.64 10.70
CA GLU B 47 -48.89 7.60 10.55
C GLU B 47 -49.17 6.83 9.26
N LYS B 48 -48.97 5.50 9.35
CA LYS B 48 -49.26 4.51 8.32
C LYS B 48 -48.72 3.15 8.77
N PHE B 49 -47.56 3.15 9.41
CA PHE B 49 -46.80 1.94 9.63
C PHE B 49 -46.68 1.56 11.09
N LYS B 50 -46.99 2.45 12.01
CA LYS B 50 -46.88 2.21 13.44
C LYS B 50 -45.51 1.62 13.81
N PRO B 51 -44.44 2.39 13.71
CA PRO B 51 -43.13 1.91 14.17
C PRO B 51 -42.90 2.27 15.63
N GLU B 52 -42.04 1.45 16.27
CA GLU B 52 -41.86 1.53 17.72
C GLU B 52 -40.82 2.57 18.11
N ILE B 53 -39.78 2.76 17.28
CA ILE B 53 -38.69 3.67 17.58
C ILE B 53 -38.25 4.34 16.29
N VAL B 54 -38.07 5.65 16.35
CA VAL B 54 -37.57 6.42 15.21
C VAL B 54 -36.41 7.26 15.70
N SER B 55 -35.39 7.39 14.85
CA SER B 55 -34.22 8.22 15.12
C SER B 55 -34.11 9.31 14.08
N VAL B 56 -33.85 10.54 14.53
CA VAL B 56 -33.49 11.63 13.64
C VAL B 56 -31.98 11.80 13.69
N GLN B 57 -31.41 12.37 12.64
CA GLN B 57 -29.98 12.62 12.61
C GLN B 57 -29.60 13.95 13.21
N ASP B 58 -30.53 14.66 13.87
CA ASP B 58 -30.24 15.93 14.54
C ASP B 58 -31.23 16.20 15.66
N GLU B 59 -30.71 16.46 16.86
CA GLU B 59 -31.53 16.51 18.06
C GLU B 59 -32.59 17.62 18.02
N ALA B 60 -32.26 18.78 17.46
CA ALA B 60 -33.24 19.88 17.42
C ALA B 60 -34.59 19.46 16.83
N ASP B 61 -34.60 18.46 15.94
CA ASP B 61 -35.82 18.01 15.26
C ASP B 61 -36.63 17.01 16.08
N VAL B 62 -36.11 16.59 17.23
CA VAL B 62 -36.81 15.59 18.04
C VAL B 62 -38.22 16.06 18.36
N GLU B 63 -38.38 17.32 18.74
CA GLU B 63 -39.69 17.74 19.23
C GLU B 63 -40.63 18.17 18.13
N ARG B 64 -40.15 18.27 16.89
CA ARG B 64 -41.07 18.33 15.77
C ARG B 64 -41.81 17.02 15.60
N LEU B 65 -41.25 15.93 16.14
CA LEU B 65 -41.80 14.60 15.97
C LEU B 65 -42.49 14.07 17.23
N LYS B 66 -42.31 14.73 18.37
CA LYS B 66 -42.75 14.19 19.66
C LYS B 66 -44.27 14.13 19.87
N PRO B 67 -45.11 14.96 19.19
CA PRO B 67 -46.55 14.65 19.25
C PRO B 67 -46.85 13.26 18.73
N TYR B 68 -46.59 13.06 17.43
CA TYR B 68 -46.90 11.80 16.76
C TYR B 68 -46.21 10.59 17.39
N HIS B 69 -45.03 10.75 17.97
CA HIS B 69 -44.30 9.59 18.45
C HIS B 69 -43.72 9.80 19.84
N SER B 70 -43.47 8.70 20.54
CA SER B 70 -43.02 8.74 21.92
C SER B 70 -41.57 8.27 22.08
N ASN B 71 -41.19 7.24 21.33
CA ASN B 71 -39.84 6.67 21.41
C ASN B 71 -38.97 7.28 20.30
N ILE B 72 -38.42 8.47 20.57
CA ILE B 72 -37.69 9.25 19.56
C ILE B 72 -36.25 9.41 20.02
N VAL B 73 -35.32 8.80 19.28
CA VAL B 73 -33.90 8.91 19.57
C VAL B 73 -33.25 9.82 18.52
N SER B 74 -31.98 10.18 18.73
CA SER B 74 -31.36 11.11 17.79
C SER B 74 -29.85 10.89 17.67
N GLY B 75 -29.32 11.22 16.51
CA GLY B 75 -27.88 11.34 16.35
C GLY B 75 -27.10 10.05 16.19
N ARG B 76 -25.88 10.02 16.72
CA ARG B 76 -25.02 8.86 16.57
C ARG B 76 -25.58 7.64 17.30
N GLN B 77 -25.87 7.79 18.60
CA GLN B 77 -26.49 6.72 19.37
C GLN B 77 -27.83 6.31 18.76
N GLY B 78 -28.64 7.31 18.38
CA GLY B 78 -29.91 7.04 17.71
C GLY B 78 -29.79 6.07 16.55
N LEU B 79 -28.63 6.00 15.92
CA LEU B 79 -28.44 4.99 14.88
C LEU B 79 -28.31 3.59 15.49
N ILE B 80 -27.40 3.39 16.45
CA ILE B 80 -27.26 2.07 17.05
C ILE B 80 -28.57 1.62 17.66
N ASP B 81 -29.33 2.54 18.26
CA ASP B 81 -30.58 2.15 18.89
C ASP B 81 -31.54 1.55 17.85
N VAL B 82 -31.65 2.18 16.68
CA VAL B 82 -32.56 1.72 15.64
C VAL B 82 -32.02 0.49 14.91
N SER B 83 -30.70 0.27 14.91
CA SER B 83 -30.17 -0.93 14.28
C SER B 83 -30.01 -2.10 15.25
N THR B 84 -30.18 -1.88 16.55
CA THR B 84 -30.00 -2.95 17.52
C THR B 84 -31.26 -3.28 18.31
N TYR B 85 -32.35 -2.57 18.07
CA TYR B 85 -33.66 -2.90 18.62
C TYR B 85 -33.88 -4.40 18.59
N GLU B 86 -34.33 -4.96 19.71
CA GLU B 86 -34.36 -6.41 19.81
C GLU B 86 -35.52 -7.01 19.01
N LYS B 87 -36.60 -6.26 18.79
CA LYS B 87 -37.67 -6.78 17.93
C LYS B 87 -37.27 -6.83 16.46
N ASN B 88 -36.16 -6.19 16.08
CA ASN B 88 -35.59 -6.32 14.74
C ASN B 88 -35.29 -7.78 14.40
N ASP B 89 -35.82 -8.25 13.26
CA ASP B 89 -35.38 -9.52 12.69
C ASP B 89 -34.46 -9.35 11.48
N LEU B 90 -34.58 -8.21 10.77
CA LEU B 90 -33.74 -7.90 9.63
C LEU B 90 -33.51 -6.40 9.60
N VAL B 91 -32.25 -5.99 9.39
CA VAL B 91 -31.87 -4.58 9.33
C VAL B 91 -31.46 -4.24 7.90
N LEU B 92 -32.09 -3.23 7.32
CA LEU B 92 -31.70 -2.74 6.00
C LEU B 92 -30.99 -1.39 6.15
N ASN B 93 -29.73 -1.33 5.70
CA ASN B 93 -28.89 -0.13 5.79
C ASN B 93 -28.90 0.57 4.43
N ALA B 94 -29.57 1.72 4.35
CA ALA B 94 -29.57 2.52 3.15
C ALA B 94 -28.84 3.86 3.37
N LEU B 95 -28.04 3.95 4.41
CA LEU B 95 -27.23 5.12 4.66
C LEU B 95 -26.17 5.24 3.58
N LEU B 96 -25.70 6.45 3.34
CA LEU B 96 -24.60 6.65 2.41
C LEU B 96 -23.33 7.05 3.15
N GLY B 97 -22.19 6.70 2.57
CA GLY B 97 -20.89 6.97 3.17
C GLY B 97 -20.74 6.21 4.47
N SER B 98 -19.60 6.39 5.13
CA SER B 98 -19.24 5.51 6.23
C SER B 98 -20.08 5.73 7.49
N VAL B 99 -21.01 6.68 7.47
CA VAL B 99 -21.92 6.86 8.59
C VAL B 99 -22.59 5.56 8.99
N GLY B 100 -22.68 4.61 8.06
CA GLY B 100 -23.37 3.35 8.26
C GLY B 100 -22.55 2.23 8.85
N LEU B 101 -21.22 2.32 8.79
CA LEU B 101 -20.32 1.31 9.32
C LEU B 101 -20.69 0.95 10.75
N GLU B 102 -20.46 1.87 11.68
CA GLU B 102 -20.67 1.54 13.10
C GLU B 102 -22.02 0.88 13.42
N PRO B 103 -23.18 1.31 12.88
CA PRO B 103 -24.44 0.63 13.25
C PRO B 103 -24.54 -0.83 12.79
N THR B 104 -24.06 -1.19 11.60
CA THR B 104 -24.09 -2.60 11.25
C THR B 104 -23.17 -3.41 12.16
N MET B 105 -22.02 -2.84 12.50
CA MET B 105 -21.14 -3.45 13.48
C MET B 105 -21.89 -3.83 14.76
N LYS B 106 -22.58 -2.84 15.35
CA LYS B 106 -23.29 -3.07 16.60
C LYS B 106 -24.51 -3.94 16.40
N ALA B 107 -25.14 -3.86 15.21
CA ALA B 107 -26.28 -4.73 14.91
C ALA B 107 -25.85 -6.19 14.77
N ILE B 108 -24.74 -6.46 14.07
CA ILE B 108 -24.22 -7.81 13.99
C ILE B 108 -24.02 -8.39 15.38
N GLU B 109 -23.25 -7.69 16.23
CA GLU B 109 -23.03 -8.01 17.63
C GLU B 109 -24.30 -8.48 18.34
N ALA B 110 -25.46 -7.95 17.93
CA ALA B 110 -26.76 -8.31 18.48
C ALA B 110 -27.39 -9.47 17.74
N GLY B 111 -26.60 -10.22 16.97
CA GLY B 111 -27.12 -11.33 16.20
C GLY B 111 -28.28 -10.98 15.28
N LYS B 112 -28.10 -10.00 14.39
CA LYS B 112 -29.16 -9.57 13.49
C LYS B 112 -28.67 -9.59 12.05
N ASN B 113 -29.49 -10.17 11.17
CA ASN B 113 -29.18 -10.25 9.75
C ASN B 113 -29.22 -8.87 9.10
N ILE B 114 -28.35 -8.69 8.10
CA ILE B 114 -28.12 -7.39 7.50
C ILE B 114 -28.42 -7.51 6.01
N ALA B 115 -29.39 -6.74 5.54
CA ALA B 115 -29.48 -6.38 4.12
C ALA B 115 -28.68 -5.09 3.90
N LEU B 116 -27.68 -5.14 3.01
CA LEU B 116 -26.65 -4.10 2.92
C LEU B 116 -26.70 -3.29 1.62
N ALA B 117 -27.33 -2.13 1.65
CA ALA B 117 -27.33 -1.25 0.48
C ALA B 117 -26.25 -0.18 0.53
N ASN B 118 -25.98 0.34 1.72
CA ASN B 118 -24.79 1.12 2.04
C ASN B 118 -23.49 0.49 1.56
N LYS B 119 -22.90 1.06 0.49
CA LYS B 119 -21.76 0.45 -0.16
C LYS B 119 -20.50 0.60 0.67
N GLU B 120 -20.28 1.80 1.20
CA GLU B 120 -18.97 2.12 1.77
C GLU B 120 -18.70 1.37 3.07
N THR B 121 -19.72 0.80 3.71
CA THR B 121 -19.46 -0.07 4.85
C THR B 121 -18.49 -1.17 4.46
N LEU B 122 -18.72 -1.80 3.30
CA LEU B 122 -17.82 -2.86 2.87
C LEU B 122 -16.57 -2.33 2.21
N VAL B 123 -16.58 -1.07 1.76
CA VAL B 123 -15.38 -0.50 1.14
C VAL B 123 -14.35 -0.13 2.20
N VAL B 124 -14.78 0.49 3.30
CA VAL B 124 -13.84 0.92 4.32
C VAL B 124 -13.49 -0.21 5.29
N ALA B 125 -14.41 -1.13 5.52
CA ALA B 125 -14.21 -2.16 6.54
C ALA B 125 -14.74 -3.52 6.08
N GLY B 126 -14.87 -3.75 4.78
CA GLY B 126 -14.96 -5.12 4.32
C GLY B 126 -13.72 -5.88 4.76
N LYS B 127 -13.92 -7.14 5.19
CA LYS B 127 -12.97 -8.04 5.87
C LYS B 127 -13.09 -7.90 7.37
N LEU B 128 -13.17 -6.66 7.86
CA LEU B 128 -13.57 -6.42 9.24
C LEU B 128 -15.06 -6.77 9.43
N VAL B 129 -15.92 -6.24 8.58
CA VAL B 129 -17.37 -6.47 8.70
C VAL B 129 -17.75 -7.92 8.36
N MET B 130 -17.02 -8.58 7.46
CA MET B 130 -17.36 -9.96 7.11
C MET B 130 -16.97 -10.96 8.20
N THR B 131 -15.69 -10.94 8.63
CA THR B 131 -15.27 -11.85 9.69
C THR B 131 -16.04 -11.60 10.99
N HIS B 132 -16.76 -10.47 11.10
CA HIS B 132 -17.69 -10.25 12.21
C HIS B 132 -19.02 -10.96 12.00
N ALA B 133 -19.32 -11.36 10.76
CA ALA B 133 -20.62 -11.97 10.44
C ALA B 133 -20.61 -13.46 10.77
N LYS B 134 -19.72 -14.23 10.15
CA LYS B 134 -19.16 -15.37 10.84
C LYS B 134 -18.70 -14.85 12.19
N ARG B 135 -18.95 -15.63 13.25
CA ARG B 135 -18.60 -15.34 14.66
C ARG B 135 -19.83 -14.88 15.41
N TYR B 136 -20.76 -14.21 14.74
CA TYR B 136 -22.06 -14.00 15.36
C TYR B 136 -23.16 -14.81 14.68
N GLY B 137 -22.81 -15.62 13.70
CA GLY B 137 -23.78 -16.42 12.98
C GLY B 137 -24.77 -15.64 12.16
N VAL B 138 -24.42 -14.43 11.76
CA VAL B 138 -25.31 -13.58 10.97
C VAL B 138 -24.78 -13.53 9.53
N ASP B 139 -25.70 -13.40 8.58
CA ASP B 139 -25.35 -13.35 7.17
C ASP B 139 -25.50 -11.93 6.63
N ILE B 140 -24.78 -11.66 5.53
CA ILE B 140 -24.78 -10.36 4.88
C ILE B 140 -25.46 -10.53 3.52
N LEU B 141 -26.51 -9.75 3.29
CA LEU B 141 -27.44 -9.98 2.18
C LEU B 141 -27.42 -8.81 1.22
N PRO B 142 -26.77 -8.95 0.06
CA PRO B 142 -26.59 -7.78 -0.81
C PRO B 142 -27.90 -7.24 -1.35
N VAL B 143 -27.99 -5.91 -1.36
CA VAL B 143 -29.10 -5.15 -1.93
C VAL B 143 -28.48 -4.10 -2.81
N ASP B 144 -28.09 -4.48 -4.02
CA ASP B 144 -27.45 -3.53 -4.92
C ASP B 144 -27.36 -4.20 -6.27
N SER B 145 -28.06 -3.62 -7.25
CA SER B 145 -28.24 -4.16 -8.59
C SER B 145 -27.16 -5.17 -8.95
N GLU B 146 -25.93 -4.67 -9.01
CA GLU B 146 -24.80 -5.46 -9.43
C GLU B 146 -24.55 -6.66 -8.51
N HIS B 147 -24.80 -6.54 -7.22
CA HIS B 147 -24.39 -7.56 -6.26
C HIS B 147 -25.49 -8.50 -5.87
N ALA B 148 -26.73 -8.00 -5.83
CA ALA B 148 -27.88 -8.89 -5.83
C ALA B 148 -27.82 -9.80 -7.06
N ALA B 149 -27.33 -9.25 -8.17
CA ALA B 149 -27.24 -10.00 -9.42
C ALA B 149 -26.30 -11.18 -9.26
N ILE B 150 -25.04 -10.90 -8.88
CA ILE B 150 -24.06 -11.96 -8.64
C ILE B 150 -24.62 -12.99 -7.67
N PHE B 151 -25.28 -12.50 -6.62
CA PHE B 151 -25.78 -13.36 -5.55
C PHE B 151 -26.69 -14.46 -6.10
N GLN B 152 -27.70 -14.06 -6.91
CA GLN B 152 -28.65 -15.04 -7.42
C GLN B 152 -28.01 -16.00 -8.43
N CYS B 153 -27.05 -15.53 -9.24
CA CYS B 153 -26.31 -16.43 -10.12
C CYS B 153 -25.49 -17.47 -9.35
N LEU B 154 -25.30 -17.31 -8.04
CA LEU B 154 -24.50 -18.28 -7.32
C LEU B 154 -25.35 -19.29 -6.56
N ASN B 155 -26.68 -19.13 -6.59
CA ASN B 155 -27.58 -20.12 -6.01
C ASN B 155 -27.25 -21.49 -6.58
N GLY B 156 -27.16 -22.47 -5.69
CA GLY B 156 -26.82 -23.82 -6.10
C GLY B 156 -25.46 -23.95 -6.74
N GLU B 157 -24.62 -22.94 -6.61
CA GLU B 157 -23.28 -22.93 -7.18
C GLU B 157 -22.22 -22.99 -6.10
N ASP B 158 -21.12 -23.67 -6.41
CA ASP B 158 -19.96 -23.75 -5.54
C ASP B 158 -19.12 -22.53 -5.82
N MET B 159 -19.02 -21.62 -4.84
CA MET B 159 -18.28 -20.38 -5.07
C MET B 159 -16.82 -20.63 -5.44
N HIS B 160 -16.32 -21.84 -5.17
CA HIS B 160 -14.95 -22.19 -5.51
C HIS B 160 -14.74 -22.30 -7.01
N LYS B 161 -15.81 -22.43 -7.80
CA LYS B 161 -15.66 -22.73 -9.22
C LYS B 161 -15.92 -21.51 -10.10
N ILE B 162 -15.87 -20.30 -9.51
CA ILE B 162 -15.93 -19.03 -10.23
C ILE B 162 -14.60 -18.77 -10.93
N LYS B 163 -14.62 -18.60 -12.25
CA LYS B 163 -13.45 -18.04 -12.90
C LYS B 163 -13.35 -16.54 -12.63
N ASN B 164 -14.32 -15.76 -13.09
CA ASN B 164 -14.34 -14.34 -12.82
C ASN B 164 -15.80 -13.90 -12.65
N VAL B 165 -15.97 -12.68 -12.16
CA VAL B 165 -17.24 -11.97 -12.22
C VAL B 165 -17.03 -10.72 -13.06
N THR B 166 -18.09 -10.26 -13.72
CA THR B 166 -18.03 -9.00 -14.47
C THR B 166 -19.12 -8.08 -13.96
N ILE B 167 -18.75 -6.83 -13.67
CA ILE B 167 -19.69 -5.83 -13.15
C ILE B 167 -19.93 -4.81 -14.25
N THR B 168 -21.21 -4.52 -14.49
CA THR B 168 -21.67 -3.73 -15.64
C THR B 168 -21.78 -2.26 -15.25
N ALA B 169 -21.26 -1.38 -16.10
CA ALA B 169 -21.31 0.05 -15.83
C ALA B 169 -22.06 0.77 -16.93
N SER B 170 -23.06 1.58 -16.54
CA SER B 170 -23.80 2.38 -17.50
C SER B 170 -22.96 3.50 -18.09
N GLY B 171 -22.03 4.06 -17.30
CA GLY B 171 -21.12 5.11 -17.75
C GLY B 171 -21.47 6.50 -17.28
N GLY B 172 -22.57 6.69 -16.57
CA GLY B 172 -22.92 8.00 -16.03
C GLY B 172 -23.22 9.10 -17.04
N SER B 173 -23.52 10.29 -16.52
CA SER B 173 -23.98 11.41 -17.34
C SER B 173 -23.01 11.74 -18.47
N PHE B 174 -21.71 11.65 -18.21
CA PHE B 174 -20.70 12.08 -19.15
C PHE B 174 -20.10 10.92 -19.93
N ARG B 175 -20.90 9.93 -20.30
CA ARG B 175 -20.30 8.78 -20.98
C ARG B 175 -19.95 9.11 -22.43
N GLU B 176 -20.59 10.12 -23.01
CA GLU B 176 -20.29 10.51 -24.38
C GLU B 176 -19.57 11.87 -24.38
N LEU B 177 -18.48 11.94 -23.59
CA LEU B 177 -17.57 13.07 -23.58
C LEU B 177 -16.17 12.50 -23.44
N THR B 178 -15.19 13.24 -23.97
CA THR B 178 -13.81 12.94 -23.59
C THR B 178 -13.39 13.91 -22.50
N ARG B 179 -12.36 13.49 -21.74
CA ARG B 179 -11.84 14.33 -20.67
C ARG B 179 -11.72 15.77 -21.11
N GLU B 180 -11.35 16.00 -22.36
CA GLU B 180 -11.21 17.34 -22.92
C GLU B 180 -12.46 18.17 -22.67
N GLN B 181 -13.64 17.62 -23.02
CA GLN B 181 -14.89 18.32 -22.77
C GLN B 181 -15.23 18.40 -21.29
N LEU B 182 -14.65 17.54 -20.47
CA LEU B 182 -14.99 17.50 -19.05
C LEU B 182 -14.55 18.76 -18.32
N GLU B 183 -13.58 19.50 -18.85
CA GLU B 183 -13.24 20.81 -18.31
C GLU B 183 -14.41 21.77 -18.32
N HIS B 184 -15.54 21.39 -18.92
CA HIS B 184 -16.61 22.32 -19.22
C HIS B 184 -17.97 21.95 -18.61
N VAL B 185 -18.09 20.83 -17.90
CA VAL B 185 -19.40 20.38 -17.43
C VAL B 185 -19.80 21.15 -16.17
N THR B 186 -21.09 21.47 -16.08
CA THR B 186 -21.70 22.08 -14.90
C THR B 186 -22.26 21.04 -13.92
N VAL B 187 -22.62 21.52 -12.73
CA VAL B 187 -23.31 20.67 -11.74
C VAL B 187 -24.67 20.23 -12.27
N GLY B 188 -25.40 21.16 -12.91
CA GLY B 188 -26.70 20.79 -13.45
C GLY B 188 -26.61 19.63 -14.41
N ASP B 189 -25.64 19.68 -15.32
CA ASP B 189 -25.52 18.58 -16.28
C ASP B 189 -25.10 17.29 -15.61
N ALA B 190 -24.23 17.36 -14.61
CA ALA B 190 -23.82 16.14 -13.92
C ALA B 190 -25.00 15.49 -13.22
N LEU B 191 -25.97 16.28 -12.74
CA LEU B 191 -27.09 15.75 -11.98
C LEU B 191 -28.11 15.04 -12.88
N ASN B 192 -28.27 15.49 -14.11
CA ASN B 192 -29.08 14.80 -15.11
C ASN B 192 -28.36 13.52 -15.49
N HIS B 193 -28.73 12.28 -14.73
CA HIS B 193 -28.16 10.94 -14.94
C HIS B 193 -29.00 10.15 -15.93
N PRO B 194 -28.34 9.24 -16.70
CA PRO B 194 -29.09 8.40 -17.64
C PRO B 194 -30.13 7.48 -17.00
N ASN B 195 -29.68 6.33 -16.48
CA ASN B 195 -30.54 5.17 -16.25
C ASN B 195 -31.29 5.19 -14.93
N TRP B 196 -30.77 5.76 -13.85
CA TRP B 196 -31.51 5.77 -12.61
C TRP B 196 -31.24 7.03 -11.81
N SER B 197 -31.96 7.15 -10.69
CA SER B 197 -31.96 8.28 -9.76
C SER B 197 -32.90 7.94 -8.61
N MET B 198 -32.47 7.72 -7.36
CA MET B 198 -31.15 7.35 -6.77
C MET B 198 -30.39 8.46 -6.01
N GLY B 199 -30.79 9.72 -6.14
CA GLY B 199 -30.20 10.76 -5.34
C GLY B 199 -28.90 11.27 -5.96
N ASN B 200 -28.36 12.30 -5.32
CA ASN B 200 -27.34 13.14 -5.93
C ASN B 200 -25.92 12.60 -5.75
N LYS B 201 -25.59 12.07 -4.56
CA LYS B 201 -24.24 11.54 -4.37
C LYS B 201 -23.99 10.35 -5.28
N ILE B 202 -24.98 9.46 -5.44
CA ILE B 202 -24.81 8.31 -6.33
C ILE B 202 -24.73 8.79 -7.78
N THR B 203 -25.39 9.89 -8.10
CA THR B 203 -25.40 10.37 -9.47
C THR B 203 -24.03 10.89 -9.90
N ILE B 204 -23.32 11.54 -8.98
CA ILE B 204 -21.99 12.04 -9.30
C ILE B 204 -20.98 10.89 -9.24
N ASP B 205 -21.06 10.05 -8.22
CA ASP B 205 -20.24 8.85 -8.17
C ASP B 205 -20.38 8.04 -9.46
N SER B 206 -21.62 7.89 -9.95
CA SER B 206 -21.85 7.19 -11.22
C SER B 206 -21.15 7.91 -12.39
N ALA B 207 -21.19 9.25 -12.42
CA ALA B 207 -20.46 9.97 -13.44
C ALA B 207 -18.95 9.94 -13.20
N THR B 208 -18.51 9.79 -11.97
CA THR B 208 -17.08 9.70 -11.74
C THR B 208 -16.55 8.30 -12.04
N MET B 209 -17.40 7.28 -11.95
CA MET B 209 -17.13 5.84 -12.00
C MET B 209 -16.65 5.36 -10.63
N MET B 210 -16.59 6.24 -9.62
CA MET B 210 -16.35 5.82 -8.25
C MET B 210 -17.38 4.78 -7.79
N ASN B 211 -18.62 4.89 -8.29
CA ASN B 211 -19.68 3.97 -7.90
C ASN B 211 -19.31 2.52 -8.22
N LYS B 212 -18.84 2.28 -9.45
CA LYS B 212 -18.40 0.96 -9.85
C LYS B 212 -17.14 0.54 -9.12
N GLY B 213 -16.21 1.50 -8.90
CA GLY B 213 -15.00 1.19 -8.15
C GLY B 213 -15.32 0.82 -6.72
N PHE B 214 -16.30 1.49 -6.11
CA PHE B 214 -16.73 1.08 -4.78
C PHE B 214 -17.26 -0.34 -4.82
N GLU B 215 -17.96 -0.71 -5.90
CA GLU B 215 -18.58 -2.02 -5.95
C GLU B 215 -17.60 -3.15 -6.27
N VAL B 216 -16.53 -2.87 -7.02
CA VAL B 216 -15.49 -3.88 -7.22
C VAL B 216 -14.86 -4.25 -5.89
N ILE B 217 -14.84 -3.32 -4.93
CA ILE B 217 -14.29 -3.61 -3.62
C ILE B 217 -15.30 -4.39 -2.78
N GLU B 218 -16.54 -3.87 -2.70
CA GLU B 218 -17.61 -4.58 -1.99
C GLU B 218 -17.71 -6.02 -2.48
N ALA B 219 -17.52 -6.24 -3.79
CA ALA B 219 -17.64 -7.58 -4.36
C ALA B 219 -16.49 -8.49 -3.94
N LYS B 220 -15.31 -7.91 -3.71
CA LYS B 220 -14.15 -8.70 -3.30
C LYS B 220 -14.38 -9.36 -1.93
N TRP B 221 -15.13 -8.69 -1.04
CA TRP B 221 -15.38 -9.18 0.30
C TRP B 221 -16.68 -10.00 0.40
N LEU B 222 -17.71 -9.64 -0.36
CA LEU B 222 -18.92 -10.46 -0.39
C LEU B 222 -18.59 -11.88 -0.84
N PHE B 223 -17.95 -12.00 -1.99
CA PHE B 223 -17.83 -13.26 -2.71
C PHE B 223 -16.42 -13.85 -2.67
N ASP B 224 -15.52 -13.28 -1.85
CA ASP B 224 -14.21 -13.87 -1.59
C ASP B 224 -13.37 -14.03 -2.87
N LEU B 225 -13.39 -13.01 -3.73
CA LEU B 225 -12.69 -13.11 -5.00
C LEU B 225 -11.30 -12.44 -4.94
N LYS B 226 -10.51 -12.69 -5.98
CA LYS B 226 -9.24 -12.07 -6.19
C LYS B 226 -9.42 -10.83 -7.06
N ILE B 227 -8.33 -10.05 -7.18
CA ILE B 227 -8.34 -8.87 -8.04
C ILE B 227 -8.60 -9.26 -9.49
N ASP B 228 -7.96 -10.34 -9.95
CA ASP B 228 -8.13 -10.81 -11.33
C ASP B 228 -9.48 -11.50 -11.55
N GLN B 229 -10.23 -11.72 -10.49
CA GLN B 229 -11.58 -12.24 -10.60
C GLN B 229 -12.58 -11.16 -10.90
N ILE B 230 -12.21 -9.89 -10.72
CA ILE B 230 -13.17 -8.80 -10.83
C ILE B 230 -12.89 -8.07 -12.13
N LYS B 231 -13.82 -8.19 -13.07
CA LYS B 231 -13.78 -7.43 -14.30
C LYS B 231 -14.93 -6.41 -14.31
N THR B 232 -14.84 -5.44 -15.22
CA THR B 232 -15.91 -4.49 -15.49
C THR B 232 -16.09 -4.38 -17.00
N ILE B 233 -17.31 -4.01 -17.42
CA ILE B 233 -17.62 -3.80 -18.83
C ILE B 233 -18.68 -2.72 -18.91
N LEU B 234 -18.68 -1.98 -20.00
CA LEU B 234 -19.56 -0.83 -20.17
C LEU B 234 -20.82 -1.29 -20.90
N HIS B 235 -21.96 -1.19 -20.23
CA HIS B 235 -23.24 -1.65 -20.77
C HIS B 235 -24.22 -0.48 -20.74
N LYS B 236 -24.39 0.16 -21.89
CA LYS B 236 -25.16 1.38 -22.02
C LYS B 236 -26.59 1.28 -21.45
N GLU B 237 -27.30 0.18 -21.73
CA GLU B 237 -28.72 0.14 -21.42
C GLU B 237 -29.03 -0.29 -19.99
N SER B 238 -28.09 -0.92 -19.29
CA SER B 238 -28.23 -1.25 -17.86
C SER B 238 -29.35 -2.26 -17.62
N ILE B 239 -29.32 -3.33 -18.42
CA ILE B 239 -30.33 -4.39 -18.39
C ILE B 239 -29.73 -5.61 -17.71
N ILE B 240 -28.78 -6.25 -18.38
CA ILE B 240 -27.84 -7.12 -17.68
C ILE B 240 -27.24 -6.31 -16.53
N HIS B 241 -27.39 -6.81 -15.31
CA HIS B 241 -26.94 -6.12 -14.11
C HIS B 241 -25.54 -6.55 -13.69
N SER B 242 -25.10 -7.75 -14.09
CA SER B 242 -23.74 -8.28 -13.88
C SER B 242 -23.68 -9.63 -14.58
N LEU B 243 -22.62 -10.40 -14.32
CA LEU B 243 -22.56 -11.78 -14.76
C LEU B 243 -21.33 -12.48 -14.19
N VAL B 244 -21.48 -13.75 -13.82
CA VAL B 244 -20.37 -14.54 -13.33
C VAL B 244 -20.07 -15.62 -14.37
N GLU B 245 -18.80 -15.98 -14.48
CA GLU B 245 -18.33 -17.05 -15.35
C GLU B 245 -17.70 -18.13 -14.48
N PHE B 246 -18.05 -19.38 -14.74
CA PHE B 246 -17.53 -20.49 -13.98
C PHE B 246 -16.39 -21.17 -14.76
N VAL B 247 -15.66 -22.03 -14.07
CA VAL B 247 -14.41 -22.57 -14.62
C VAL B 247 -14.64 -23.47 -15.83
N ASP B 248 -15.91 -23.69 -16.19
CA ASP B 248 -16.27 -24.52 -17.33
C ASP B 248 -16.81 -23.69 -18.49
N THR B 249 -16.61 -22.37 -18.45
CA THR B 249 -16.95 -21.37 -19.45
C THR B 249 -18.45 -21.13 -19.56
N SER B 250 -19.25 -21.74 -18.70
CA SER B 250 -20.64 -21.33 -18.58
C SER B 250 -20.68 -19.96 -17.95
N VAL B 251 -21.53 -19.08 -18.47
CA VAL B 251 -21.60 -17.72 -17.97
C VAL B 251 -23.04 -17.40 -17.65
N MET B 252 -23.28 -16.86 -16.46
CA MET B 252 -24.61 -16.56 -15.95
C MET B 252 -24.80 -15.05 -15.74
N ALA B 253 -25.94 -14.53 -16.22
CA ALA B 253 -26.33 -13.14 -16.08
C ALA B 253 -27.71 -13.01 -15.45
N GLN B 254 -27.91 -11.90 -14.73
CA GLN B 254 -29.21 -11.51 -14.20
C GLN B 254 -29.64 -10.22 -14.87
N LEU B 255 -30.95 -10.11 -15.14
CA LEU B 255 -31.47 -9.01 -15.95
C LEU B 255 -32.67 -8.37 -15.28
N GLY B 256 -32.89 -7.10 -15.58
CA GLY B 256 -34.04 -6.38 -15.04
C GLY B 256 -34.13 -4.97 -15.60
N THR B 257 -35.27 -4.36 -15.36
CA THR B 257 -35.35 -2.93 -15.60
C THR B 257 -34.79 -2.20 -14.38
N PRO B 258 -34.00 -1.11 -14.58
CA PRO B 258 -33.32 -0.43 -13.47
C PRO B 258 -34.22 -0.04 -12.30
N ASP B 259 -34.71 -1.04 -11.57
CA ASP B 259 -35.69 -0.87 -10.51
C ASP B 259 -35.16 -1.61 -9.29
N MET B 260 -35.16 -0.94 -8.14
CA MET B 260 -34.45 -1.48 -6.99
C MET B 260 -35.30 -2.36 -6.10
N ARG B 261 -36.61 -2.43 -6.31
CA ARG B 261 -37.47 -3.10 -5.34
C ARG B 261 -37.26 -4.61 -5.35
N MET B 262 -36.98 -5.18 -6.51
CA MET B 262 -36.68 -6.60 -6.66
C MET B 262 -35.48 -7.02 -5.80
N PRO B 263 -34.30 -6.40 -5.95
CA PRO B 263 -33.18 -6.80 -5.07
C PRO B 263 -33.48 -6.59 -3.59
N ILE B 264 -34.18 -5.49 -3.26
CA ILE B 264 -34.55 -5.23 -1.88
C ILE B 264 -35.38 -6.38 -1.33
N GLN B 265 -36.45 -6.74 -2.05
CA GLN B 265 -37.43 -7.68 -1.52
C GLN B 265 -36.87 -9.09 -1.46
N TYR B 266 -36.04 -9.46 -2.42
CA TYR B 266 -35.34 -10.73 -2.35
C TYR B 266 -34.45 -10.79 -1.10
N ALA B 267 -33.86 -9.65 -0.74
CA ALA B 267 -33.11 -9.56 0.50
C ALA B 267 -34.00 -9.56 1.73
N PHE B 268 -35.31 -9.46 1.55
CA PHE B 268 -36.21 -9.67 2.67
C PHE B 268 -36.73 -11.10 2.70
N THR B 269 -36.78 -11.76 1.54
CA THR B 269 -37.39 -13.08 1.39
C THR B 269 -36.38 -14.12 0.90
N TYR B 270 -35.18 -14.07 1.39
CA TYR B 270 -34.21 -15.07 0.97
C TYR B 270 -34.35 -16.30 1.86
N PRO B 271 -34.36 -17.52 1.29
CA PRO B 271 -34.17 -17.89 -0.12
C PRO B 271 -35.48 -18.08 -0.89
N GLU B 272 -36.62 -17.84 -0.24
CA GLU B 272 -37.88 -17.79 -0.96
C GLU B 272 -38.03 -16.48 -1.71
N ARG B 273 -38.55 -16.52 -2.92
CA ARG B 273 -38.97 -15.30 -3.59
C ARG B 273 -40.49 -15.28 -3.66
N ILE B 274 -41.08 -14.08 -3.54
CA ILE B 274 -42.52 -13.94 -3.59
C ILE B 274 -42.86 -12.88 -4.64
N GLU B 275 -44.15 -12.81 -4.99
CA GLU B 275 -44.54 -12.06 -6.18
C GLU B 275 -44.30 -10.56 -6.02
N HIS B 276 -43.87 -9.92 -7.12
CA HIS B 276 -43.67 -8.47 -7.18
C HIS B 276 -44.52 -7.91 -8.32
N ARG B 277 -45.62 -7.24 -7.95
CA ARG B 277 -46.66 -6.82 -8.89
C ARG B 277 -46.22 -5.57 -9.64
N ALA B 278 -45.51 -5.76 -10.75
CA ALA B 278 -44.92 -4.65 -11.49
C ALA B 278 -44.58 -5.16 -12.88
N PRO B 279 -44.40 -4.26 -13.86
CA PRO B 279 -44.17 -4.71 -15.23
C PRO B 279 -42.86 -5.49 -15.34
N SER B 280 -42.88 -6.47 -16.22
CA SER B 280 -41.72 -7.33 -16.39
C SER B 280 -40.76 -6.75 -17.43
N LEU B 281 -39.55 -7.27 -17.43
CA LEU B 281 -38.53 -6.81 -18.36
C LEU B 281 -38.86 -7.32 -19.75
N ASP B 282 -39.05 -6.40 -20.69
CA ASP B 282 -39.48 -6.77 -22.03
C ASP B 282 -38.31 -6.60 -22.97
N LEU B 283 -37.58 -7.70 -23.20
CA LEU B 283 -36.42 -7.63 -24.09
C LEU B 283 -36.78 -7.22 -25.52
N VAL B 284 -38.04 -7.39 -25.93
CA VAL B 284 -38.44 -6.96 -27.27
C VAL B 284 -38.52 -5.44 -27.36
N GLN B 285 -39.05 -4.77 -26.32
CA GLN B 285 -39.05 -3.32 -26.30
C GLN B 285 -37.63 -2.75 -26.33
N VAL B 286 -36.71 -3.32 -25.54
CA VAL B 286 -35.32 -2.83 -25.49
C VAL B 286 -34.58 -3.09 -26.79
N ALA B 287 -35.04 -4.04 -27.59
CA ALA B 287 -34.51 -4.30 -28.93
C ALA B 287 -33.04 -4.70 -28.93
N GLN B 288 -32.13 -3.85 -28.42
CA GLN B 288 -30.72 -4.20 -28.45
C GLN B 288 -30.00 -3.78 -27.18
N LEU B 289 -28.88 -4.46 -26.92
CA LEU B 289 -28.03 -4.26 -25.74
C LEU B 289 -26.59 -4.13 -26.19
N HIS B 290 -25.89 -3.12 -25.65
CA HIS B 290 -24.51 -2.80 -26.04
C HIS B 290 -23.49 -3.19 -24.98
N PHE B 291 -22.27 -3.46 -25.43
CA PHE B 291 -21.13 -3.72 -24.55
C PHE B 291 -19.84 -3.12 -25.12
N GLN B 292 -19.19 -2.23 -24.38
CA GLN B 292 -17.92 -1.64 -24.77
C GLN B 292 -16.85 -1.92 -23.72
N GLU B 293 -15.62 -2.16 -24.18
CA GLU B 293 -14.53 -2.39 -23.25
C GLU B 293 -14.32 -1.20 -22.33
N MET B 294 -14.16 -1.48 -21.04
CA MET B 294 -13.91 -0.44 -20.04
C MET B 294 -12.64 0.34 -20.37
N ASP B 295 -12.75 1.68 -20.24
CA ASP B 295 -11.65 2.62 -20.48
C ASP B 295 -11.19 3.18 -19.12
N LEU B 296 -9.97 2.84 -18.73
CA LEU B 296 -9.36 3.27 -17.47
C LEU B 296 -8.63 4.61 -17.58
N ASP B 297 -8.43 5.11 -18.80
CA ASP B 297 -7.93 6.47 -18.98
C ASP B 297 -9.06 7.49 -18.88
N ARG B 298 -10.23 7.12 -19.40
CA ARG B 298 -11.39 8.00 -19.33
C ARG B 298 -12.00 8.01 -17.93
N TYR B 299 -11.91 6.89 -17.18
CA TYR B 299 -12.46 6.79 -15.83
C TYR B 299 -11.35 6.38 -14.85
N ARG B 300 -10.47 7.32 -14.50
CA ARG B 300 -9.33 6.99 -13.66
C ARG B 300 -9.74 6.67 -12.23
N CYS B 301 -10.89 7.19 -11.79
CA CYS B 301 -11.43 6.83 -10.49
C CYS B 301 -11.65 5.32 -10.34
N LEU B 302 -11.96 4.60 -11.44
CA LEU B 302 -12.04 3.15 -11.33
C LEU B 302 -10.64 2.55 -11.23
N LYS B 303 -9.62 3.21 -11.81
CA LYS B 303 -8.25 2.74 -11.59
C LYS B 303 -7.78 2.99 -10.16
N PHE B 304 -8.21 4.10 -9.54
CA PHE B 304 -7.84 4.32 -8.13
C PHE B 304 -8.46 3.27 -7.24
N ALA B 305 -9.71 2.89 -7.54
CA ALA B 305 -10.39 1.89 -6.73
C ALA B 305 -9.64 0.58 -6.78
N TYR B 306 -9.25 0.16 -7.99
CA TYR B 306 -8.44 -1.05 -8.10
C TYR B 306 -7.15 -0.89 -7.28
N ASP B 307 -6.55 0.30 -7.32
CA ASP B 307 -5.30 0.54 -6.59
C ASP B 307 -5.52 0.53 -5.08
N ALA B 308 -6.61 1.15 -4.60
CA ALA B 308 -6.99 1.01 -3.21
C ALA B 308 -7.27 -0.44 -2.84
N LEU B 309 -7.62 -1.27 -3.82
CA LEU B 309 -7.84 -2.68 -3.55
C LEU B 309 -6.53 -3.42 -3.41
N ARG B 310 -5.59 -3.22 -4.36
CA ARG B 310 -4.34 -3.97 -4.32
C ARG B 310 -3.39 -3.48 -3.23
N ILE B 311 -3.50 -2.23 -2.78
CA ILE B 311 -2.70 -1.85 -1.61
C ILE B 311 -3.31 -2.43 -0.34
N GLY B 312 -4.59 -2.21 -0.15
CA GLY B 312 -5.25 -2.82 0.99
C GLY B 312 -5.10 -2.02 2.25
N GLY B 313 -5.26 -2.70 3.38
CA GLY B 313 -5.14 -2.03 4.65
C GLY B 313 -6.18 -0.94 4.76
N SER B 314 -5.71 0.29 4.96
CA SER B 314 -6.59 1.44 5.15
C SER B 314 -6.69 2.35 3.93
N MET B 315 -6.05 2.02 2.81
CA MET B 315 -6.20 2.84 1.62
C MET B 315 -7.66 3.00 1.21
N PRO B 316 -8.50 1.95 1.21
CA PRO B 316 -9.92 2.13 0.89
C PRO B 316 -10.66 3.14 1.77
N VAL B 317 -10.31 3.24 3.06
CA VAL B 317 -10.92 4.26 3.90
C VAL B 317 -10.66 5.66 3.34
N VAL B 318 -9.48 5.89 2.76
CA VAL B 318 -9.16 7.23 2.27
C VAL B 318 -9.93 7.51 0.99
N LEU B 319 -9.86 6.61 0.02
CA LEU B 319 -10.65 6.77 -1.21
C LEU B 319 -12.12 7.12 -0.91
N ASN B 320 -12.73 6.50 0.10
CA ASN B 320 -14.11 6.83 0.40
C ASN B 320 -14.24 8.17 1.10
N ALA B 321 -13.44 8.42 2.14
CA ALA B 321 -13.59 9.65 2.91
C ALA B 321 -13.39 10.91 2.05
N VAL B 322 -12.35 10.92 1.20
CA VAL B 322 -12.12 12.11 0.39
C VAL B 322 -13.18 12.23 -0.70
N ASN B 323 -13.68 11.10 -1.22
CA ASN B 323 -14.71 11.17 -2.25
C ASN B 323 -16.00 11.76 -1.68
N GLU B 324 -16.34 11.39 -0.44
CA GLU B 324 -17.48 11.99 0.23
C GLU B 324 -17.32 13.51 0.32
N VAL B 325 -16.11 13.98 0.61
CA VAL B 325 -15.91 15.42 0.76
C VAL B 325 -15.80 16.11 -0.60
N ALA B 326 -15.22 15.43 -1.59
CA ALA B 326 -15.10 16.04 -2.92
C ALA B 326 -16.45 16.14 -3.60
N VAL B 327 -17.31 15.15 -3.42
CA VAL B 327 -18.62 15.23 -4.08
C VAL B 327 -19.50 16.28 -3.39
N ALA B 328 -19.35 16.46 -2.08
CA ALA B 328 -20.10 17.53 -1.44
C ALA B 328 -19.63 18.90 -1.94
N LYS B 329 -18.31 19.10 -2.00
CA LYS B 329 -17.80 20.39 -2.48
C LYS B 329 -18.21 20.65 -3.93
N PHE B 330 -18.32 19.60 -4.76
CA PHE B 330 -18.74 19.81 -6.14
C PHE B 330 -20.20 20.25 -6.23
N LEU B 331 -21.08 19.62 -5.45
CA LEU B 331 -22.48 19.97 -5.52
C LEU B 331 -22.76 21.35 -4.92
N ASN B 332 -21.88 21.82 -4.04
CA ASN B 332 -21.97 23.17 -3.51
C ASN B 332 -21.25 24.19 -4.38
N HIS B 333 -20.86 23.81 -5.59
CA HIS B 333 -20.24 24.73 -6.57
C HIS B 333 -18.95 25.31 -6.03
N GLU B 334 -18.31 24.57 -5.11
CA GLU B 334 -17.03 24.90 -4.48
C GLU B 334 -15.83 24.48 -5.33
N ILE B 335 -15.98 23.47 -6.20
CA ILE B 335 -14.89 22.95 -7.04
C ILE B 335 -15.46 22.60 -8.40
N THR B 336 -14.56 22.34 -9.35
CA THR B 336 -14.95 21.88 -10.67
C THR B 336 -15.04 20.35 -10.70
N PHE B 337 -15.57 19.80 -11.79
CA PHE B 337 -15.86 18.36 -11.85
C PHE B 337 -14.57 17.56 -11.78
N LEU B 338 -13.63 17.80 -12.72
CA LEU B 338 -12.39 17.02 -12.69
C LEU B 338 -11.61 17.22 -11.40
N GLU B 339 -12.03 18.16 -10.55
CA GLU B 339 -11.38 18.35 -9.26
C GLU B 339 -11.53 17.11 -8.37
N ILE B 340 -12.70 16.46 -8.42
CA ILE B 340 -12.95 15.26 -7.62
C ILE B 340 -11.84 14.25 -7.81
N GLU B 341 -11.43 14.05 -9.07
CA GLU B 341 -10.36 13.09 -9.35
C GLU B 341 -9.05 13.52 -8.70
N HIS B 342 -8.67 14.79 -8.86
CA HIS B 342 -7.36 15.25 -8.39
C HIS B 342 -7.29 15.31 -6.87
N MET B 343 -8.38 15.75 -6.22
CA MET B 343 -8.48 15.69 -4.77
C MET B 343 -8.13 14.30 -4.26
N ILE B 344 -8.69 13.27 -4.89
CA ILE B 344 -8.54 11.92 -4.39
C ILE B 344 -7.09 11.46 -4.52
N GLU B 345 -6.49 11.68 -5.70
CA GLU B 345 -5.11 11.23 -5.94
C GLU B 345 -4.13 11.75 -4.89
N ARG B 346 -4.21 13.05 -4.58
CA ARG B 346 -3.35 13.66 -3.58
C ARG B 346 -3.31 12.87 -2.29
N GLU B 347 -4.44 12.84 -1.57
CA GLU B 347 -4.47 12.24 -0.25
C GLU B 347 -3.99 10.80 -0.27
N MET B 348 -4.17 10.12 -1.40
CA MET B 348 -3.78 8.70 -1.49
C MET B 348 -2.27 8.54 -1.67
N SER B 349 -1.67 9.36 -2.54
CA SER B 349 -0.22 9.33 -2.68
C SER B 349 0.47 9.60 -1.35
N ALA B 350 -0.16 10.41 -0.50
CA ALA B 350 0.40 10.77 0.80
C ALA B 350 0.05 9.79 1.92
N HIS B 351 -0.99 8.97 1.80
CA HIS B 351 -1.48 8.20 2.94
C HIS B 351 -0.44 7.20 3.45
N GLU B 352 -0.25 7.19 4.76
CA GLU B 352 0.55 6.17 5.44
C GLU B 352 -0.42 5.06 5.89
N VAL B 353 -0.32 3.87 5.28
CA VAL B 353 -1.39 2.87 5.38
C VAL B 353 -1.24 2.03 6.64
N ILE B 354 -2.36 1.64 7.20
CA ILE B 354 -2.41 0.74 8.34
C ILE B 354 -2.80 -0.65 7.81
N PRO B 355 -2.02 -1.69 8.11
CA PRO B 355 -2.29 -2.99 7.47
C PRO B 355 -3.65 -3.59 7.81
N ASP B 356 -4.03 -3.61 9.08
CA ASP B 356 -5.25 -4.29 9.50
C ASP B 356 -5.97 -3.41 10.49
N PRO B 357 -6.42 -2.24 10.05
CA PRO B 357 -7.04 -1.28 10.97
C PRO B 357 -8.17 -1.92 11.74
N SER B 358 -8.15 -1.70 13.04
CA SER B 358 -9.32 -1.95 13.85
C SER B 358 -10.37 -0.87 13.58
N LEU B 359 -11.57 -1.13 14.07
CA LEU B 359 -12.72 -0.26 13.86
C LEU B 359 -12.43 1.20 14.21
N GLU B 360 -11.73 1.39 15.32
CA GLU B 360 -11.57 2.72 15.88
C GLU B 360 -10.56 3.54 15.10
N GLU B 361 -9.54 2.88 14.54
CA GLU B 361 -8.65 3.59 13.64
C GLU B 361 -9.32 3.84 12.29
N ILE B 362 -10.17 2.91 11.83
CA ILE B 362 -10.90 3.18 10.59
C ILE B 362 -11.80 4.40 10.76
N LEU B 363 -12.55 4.43 11.84
CA LEU B 363 -13.38 5.60 12.12
C LEU B 363 -12.52 6.83 12.36
N GLU B 364 -11.30 6.63 12.84
CA GLU B 364 -10.33 7.70 13.04
C GLU B 364 -9.91 8.32 11.72
N ILE B 365 -9.20 7.55 10.89
CA ILE B 365 -8.80 8.01 9.57
C ILE B 365 -9.96 8.67 8.84
N ASP B 366 -11.14 8.06 8.90
CA ASP B 366 -12.27 8.60 8.16
C ASP B 366 -12.63 9.99 8.65
N HIS B 367 -12.51 10.20 9.98
CA HIS B 367 -12.71 11.53 10.55
C HIS B 367 -11.61 12.49 10.09
N TYR B 368 -10.37 12.03 10.06
CA TYR B 368 -9.27 12.91 9.66
C TYR B 368 -9.51 13.46 8.26
N TYR B 369 -9.93 12.60 7.35
CA TYR B 369 -10.04 13.03 5.96
C TYR B 369 -11.33 13.80 5.68
N LYS B 370 -12.33 13.69 6.56
CA LYS B 370 -13.57 14.43 6.38
C LYS B 370 -13.53 15.80 7.02
N THR B 371 -12.58 16.06 7.93
CA THR B 371 -12.45 17.38 8.55
C THR B 371 -11.14 18.08 8.24
N LYS B 372 -10.20 17.43 7.56
CA LYS B 372 -8.96 18.04 7.08
C LYS B 372 -9.27 19.29 6.25
N SER B 373 -8.32 20.18 6.06
CA SER B 373 -8.54 21.32 5.18
C SER B 373 -8.03 20.98 3.78
N TYR B 374 -8.90 21.21 2.79
CA TYR B 374 -8.58 21.12 1.38
C TYR B 374 -8.38 22.51 0.81
N GLU B 375 -8.01 23.45 1.68
CA GLU B 375 -7.46 24.78 1.38
C GLU B 375 -8.57 25.78 1.12
O2 FOM C . 27.01 6.52 -0.14
N1 FOM C . 26.97 6.19 -1.52
C1 FOM C . 26.40 4.91 -1.91
O1 FOM C . 25.95 4.15 -1.11
C2 FOM C . 27.48 7.11 -2.54
C3 FOM C . 27.08 8.57 -2.25
C4 FOM C . 26.71 9.42 -3.49
PA1 FOM C . 25.13 9.90 -3.58
OP1 FOM C . 24.21 8.94 -2.90
OP2 FOM C . 24.62 10.83 -4.67
OP3 FOM C . 25.41 10.93 -2.51
O2 FOM D . -25.09 1.07 -7.62
N1 FOM D . -26.24 1.35 -8.39
C1 FOM D . -27.47 0.70 -8.01
O1 FOM D . -27.49 0.00 -7.07
C2 FOM D . -26.24 2.24 -9.53
C3 FOM D . -25.81 1.56 -10.84
C4 FOM D . -25.56 2.58 -11.97
PA1 FOM D . -24.11 2.75 -12.79
OP1 FOM D . -24.03 3.72 -13.95
OP2 FOM D . -23.10 1.63 -12.73
OP3 FOM D . -23.65 3.70 -11.71
#